data_4JHX
#
_entry.id   4JHX
#
_cell.length_a   76.029
_cell.length_b   79.387
_cell.length_c   147.169
_cell.angle_alpha   90.000
_cell.angle_beta   90.000
_cell.angle_gamma   90.000
#
_symmetry.space_group_name_H-M   'P 21 21 21'
#
loop_
_entity.id
_entity.type
_entity.pdbx_description
1 polymer 'Ornithine carbamoyltransferase'
2 non-polymer 'PHOSPHORIC ACID MONO(FORMAMIDE)ESTER'
3 non-polymer 'CHLORIDE ION'
4 non-polymer ARGININE
5 non-polymer DI(HYDROXYETHYL)ETHER
6 water water
#
_entity_poly.entity_id   1
_entity_poly.type   'polypeptide(L)'
_entity_poly.pdbx_seq_one_letter_code
;MHHHHHHSSGVDLGTENLYFQSNAMAFNLRNRNFLKLLDFSTKEIQFLIDLSADLKKAKYAGTEQKKLLGKNIALIFEKA
STRTRCAFEVAAFDQGAQVTYIGPSGSQIGDKESMKDTARVLGRMYDGIQYRGFGQAIVEELGAFAGVPVWNGLTDEFHP
TQILADFLTMLEHSQGKALADIQFAYLGDARNNVGNSLMVGAAKMGMDIRLVGPQAYWPDEELVAACQAIAKQTGGKITL
TENVAEGVQGCDFLYTDVWVSMGESPEAWDERVALMKPYQVNMNVLKQTGNPNVKFMHCLPAFHNDETTIGKQVADKFGM
KGLEVTEEVFESEHSIVFDEAENRMHTIKAVMVATLGS
;
_entity_poly.pdbx_strand_id   A,B,C
#
loop_
_chem_comp.id
_chem_comp.type
_chem_comp.name
_chem_comp.formula
CL non-polymer 'CHLORIDE ION' 'Cl -1'
CP non-polymer 'PHOSPHORIC ACID MONO(FORMAMIDE)ESTER' 'C H4 N O5 P'
PEG non-polymer DI(HYDROXYETHYL)ETHER 'C4 H10 O3'
#
# COMPACT_ATOMS: atom_id res chain seq x y z
N ASN A 23 -10.78 28.52 -25.44
CA ASN A 23 -10.66 27.50 -24.35
C ASN A 23 -9.60 27.91 -23.31
N ALA A 24 -9.71 29.17 -22.83
CA ALA A 24 -8.72 29.78 -21.91
C ALA A 24 -8.78 28.99 -20.61
N MET A 25 -10.02 28.83 -20.16
CA MET A 25 -10.39 28.11 -18.97
C MET A 25 -9.63 26.79 -18.75
N ALA A 26 -9.69 25.88 -19.75
CA ALA A 26 -8.99 24.62 -19.72
C ALA A 26 -7.51 24.85 -19.66
N PHE A 27 -7.00 25.73 -20.54
CA PHE A 27 -5.58 26.02 -20.47
C PHE A 27 -5.19 26.56 -19.10
N ASN A 28 -6.04 27.38 -18.49
CA ASN A 28 -5.69 28.09 -17.28
C ASN A 28 -5.70 27.10 -16.09
N LEU A 29 -6.34 25.95 -16.24
CA LEU A 29 -6.28 24.91 -15.20
C LEU A 29 -5.16 23.98 -15.23
N ARG A 30 -4.44 23.92 -16.35
CA ARG A 30 -3.38 22.97 -16.51
C ARG A 30 -2.22 23.30 -15.57
N ASN A 31 -1.71 22.27 -14.96
CA ASN A 31 -0.67 22.38 -13.98
C ASN A 31 -0.91 23.14 -12.69
N ARG A 32 -2.14 23.54 -12.40
CA ARG A 32 -2.38 24.17 -11.13
C ARG A 32 -2.30 23.13 -10.00
N ASN A 33 -1.90 23.60 -8.84
CA ASN A 33 -2.24 22.90 -7.56
C ASN A 33 -3.71 23.06 -7.24
N PHE A 34 -4.24 22.17 -6.42
CA PHE A 34 -5.62 22.27 -5.92
C PHE A 34 -5.53 22.24 -4.44
N LEU A 35 -5.22 23.41 -3.83
CA LEU A 35 -4.89 23.46 -2.42
C LEU A 35 -6.07 23.93 -1.51
N LYS A 36 -6.93 24.77 -2.06
CA LYS A 36 -8.09 25.35 -1.35
C LYS A 36 -8.94 26.03 -2.41
N LEU A 37 -10.24 26.21 -2.15
CA LEU A 37 -11.08 26.85 -3.08
C LEU A 37 -10.87 28.33 -3.17
N LEU A 38 -10.23 28.89 -2.17
CA LEU A 38 -9.80 30.29 -2.29
C LEU A 38 -8.81 30.57 -3.43
N ASP A 39 -8.27 29.55 -4.05
CA ASP A 39 -7.33 29.68 -5.15
C ASP A 39 -7.97 29.54 -6.58
N PHE A 40 -9.30 29.54 -6.62
CA PHE A 40 -10.07 29.33 -7.85
C PHE A 40 -11.21 30.33 -7.96
N SER A 41 -11.50 30.66 -9.20
CA SER A 41 -12.54 31.56 -9.51
C SER A 41 -13.88 30.81 -9.50
N THR A 42 -14.97 31.56 -9.47
CA THR A 42 -16.34 31.03 -9.59
C THR A 42 -16.43 30.16 -10.82
N LYS A 43 -15.96 30.68 -11.94
CA LYS A 43 -16.13 29.96 -13.18
C LYS A 43 -15.28 28.70 -13.28
N GLU A 44 -14.12 28.73 -12.65
CA GLU A 44 -13.26 27.58 -12.58
C GLU A 44 -13.91 26.47 -11.79
N ILE A 45 -14.53 26.83 -10.64
CA ILE A 45 -15.20 25.82 -9.81
C ILE A 45 -16.32 25.23 -10.61
N GLN A 46 -17.08 26.08 -11.29
CA GLN A 46 -18.22 25.58 -12.10
C GLN A 46 -17.69 24.61 -13.17
N PHE A 47 -16.60 24.99 -13.80
CA PHE A 47 -15.98 24.12 -14.83
C PHE A 47 -15.61 22.76 -14.30
N LEU A 48 -15.06 22.70 -13.10
CA LEU A 48 -14.68 21.45 -12.50
C LEU A 48 -15.92 20.60 -12.17
N ILE A 49 -17.00 21.25 -11.71
CA ILE A 49 -18.21 20.53 -11.38
C ILE A 49 -18.79 19.95 -12.65
N ASP A 50 -18.79 20.75 -13.71
CA ASP A 50 -19.39 20.34 -14.96
C ASP A 50 -18.59 19.17 -15.51
N LEU A 51 -17.27 19.29 -15.49
CA LEU A 51 -16.31 18.25 -15.90
C LEU A 51 -16.53 16.96 -15.12
N SER A 52 -16.72 17.08 -13.83
CA SER A 52 -17.10 15.93 -12.97
C SER A 52 -18.35 15.19 -13.51
N ALA A 53 -19.38 15.96 -13.86
CA ALA A 53 -20.64 15.41 -14.36
C ALA A 53 -20.38 14.70 -15.72
N ASP A 54 -19.54 15.32 -16.54
CA ASP A 54 -19.22 14.71 -17.82
C ASP A 54 -18.50 13.38 -17.68
N LEU A 55 -17.53 13.36 -16.75
CA LEU A 55 -16.76 12.12 -16.47
C LEU A 55 -17.56 11.04 -15.80
N LYS A 56 -18.58 11.44 -15.01
CA LYS A 56 -19.48 10.50 -14.37
C LYS A 56 -20.32 9.80 -15.50
N LYS A 57 -20.85 10.62 -16.41
CA LYS A 57 -21.66 10.09 -17.56
C LYS A 57 -20.80 9.18 -18.41
N ALA A 58 -19.59 9.62 -18.75
CA ALA A 58 -18.73 8.77 -19.59
C ALA A 58 -18.37 7.43 -18.96
N LYS A 59 -18.07 7.43 -17.67
CA LYS A 59 -17.78 6.19 -17.00
C LYS A 59 -18.97 5.24 -17.04
N TYR A 60 -20.15 5.75 -16.77
CA TYR A 60 -21.32 4.90 -16.77
C TYR A 60 -21.59 4.36 -18.17
N ALA A 61 -21.36 5.21 -19.15
CA ALA A 61 -21.49 4.85 -20.58
C ALA A 61 -20.36 3.99 -21.14
N GLY A 62 -19.30 3.77 -20.40
CA GLY A 62 -18.15 2.98 -20.85
C GLY A 62 -17.35 3.63 -21.96
N THR A 63 -17.44 4.95 -22.08
CA THR A 63 -16.74 5.71 -23.15
C THR A 63 -15.63 6.59 -22.59
N GLU A 64 -15.18 6.31 -21.40
CA GLU A 64 -14.26 7.26 -20.76
C GLU A 64 -12.92 7.27 -21.55
N GLN A 65 -12.48 8.44 -21.91
CA GLN A 65 -11.22 8.56 -22.63
C GLN A 65 -10.12 8.78 -21.62
N LYS A 66 -9.05 8.02 -21.70
CA LYS A 66 -8.02 8.11 -20.64
C LYS A 66 -7.05 9.29 -20.89
N LYS A 67 -7.13 10.29 -20.07
CA LYS A 67 -6.33 11.46 -20.26
C LYS A 67 -5.08 11.45 -19.33
N LEU A 68 -4.93 10.47 -18.45
CA LEU A 68 -3.74 10.41 -17.55
C LEU A 68 -2.96 9.16 -17.86
N LEU A 69 -3.05 8.68 -19.11
CA LEU A 69 -2.33 7.50 -19.48
C LEU A 69 -0.83 7.66 -19.26
N GLY A 70 -0.23 6.76 -18.52
CA GLY A 70 1.24 6.80 -18.31
C GLY A 70 1.67 7.74 -17.19
N LYS A 71 0.74 8.38 -16.53
CA LYS A 71 1.07 9.31 -15.46
C LYS A 71 1.10 8.49 -14.17
N ASN A 72 2.01 8.90 -13.27
CA ASN A 72 2.21 8.24 -11.99
C ASN A 72 1.94 9.28 -10.88
N ILE A 73 1.10 8.89 -9.93
CA ILE A 73 0.71 9.75 -8.87
CA ILE A 73 0.75 9.79 -8.84
C ILE A 73 1.04 9.21 -7.47
N ALA A 74 1.60 10.07 -6.60
CA ALA A 74 1.91 9.70 -5.23
C ALA A 74 0.77 10.20 -4.33
N LEU A 75 0.28 9.34 -3.49
CA LEU A 75 -0.76 9.69 -2.48
C LEU A 75 -0.21 9.63 -1.07
N ILE A 76 0.03 10.81 -0.47
CA ILE A 76 0.56 10.88 0.82
C ILE A 76 -0.57 11.09 1.84
N PHE A 77 -0.70 10.19 2.78
CA PHE A 77 -1.71 10.30 3.79
C PHE A 77 -1.08 10.26 5.14
N GLU A 78 -1.12 11.39 5.85
CA GLU A 78 -0.69 11.49 7.24
C GLU A 78 -1.79 11.22 8.27
N LYS A 79 -3.00 11.14 7.77
CA LYS A 79 -4.21 10.77 8.54
C LYS A 79 -4.89 9.65 7.77
N ALA A 80 -5.78 8.96 8.50
CA ALA A 80 -6.72 7.93 7.96
C ALA A 80 -7.60 8.45 6.87
N SER A 81 -8.04 7.57 5.96
CA SER A 81 -9.00 7.96 4.99
C SER A 81 -9.63 6.73 4.38
N THR A 82 -10.93 6.77 4.15
CA THR A 82 -11.52 5.81 3.23
C THR A 82 -11.98 6.35 1.88
N ARG A 83 -12.90 7.32 1.94
CA ARG A 83 -13.47 7.86 0.72
C ARG A 83 -12.38 8.53 -0.11
N THR A 84 -11.54 9.40 0.48
CA THR A 84 -10.61 10.25 -0.33
C THR A 84 -9.49 9.38 -0.95
N ARG A 85 -8.88 8.47 -0.19
CA ARG A 85 -7.95 7.58 -0.75
C ARG A 85 -8.55 6.77 -1.90
N CYS A 86 -9.66 6.16 -1.65
CA CYS A 86 -10.23 5.25 -2.66
C CYS A 86 -10.63 6.05 -3.89
N ALA A 87 -11.18 7.25 -3.65
CA ALA A 87 -11.57 8.15 -4.76
C ALA A 87 -10.34 8.53 -5.63
N PHE A 88 -9.21 8.86 -5.01
CA PHE A 88 -8.00 9.11 -5.82
C PHE A 88 -7.55 7.90 -6.58
N GLU A 89 -7.59 6.74 -5.95
CA GLU A 89 -7.11 5.51 -6.61
C GLU A 89 -7.94 5.14 -7.78
N VAL A 90 -9.25 5.04 -7.56
CA VAL A 90 -10.17 4.66 -8.60
C VAL A 90 -10.14 5.67 -9.76
N ALA A 91 -10.15 6.95 -9.47
CA ALA A 91 -10.09 7.95 -10.48
C ALA A 91 -8.83 7.85 -11.32
N ALA A 92 -7.69 7.66 -10.68
CA ALA A 92 -6.43 7.51 -11.34
C ALA A 92 -6.47 6.27 -12.25
N PHE A 93 -6.91 5.16 -11.69
CA PHE A 93 -6.98 3.91 -12.45
C PHE A 93 -7.88 4.02 -13.69
N ASP A 94 -9.07 4.58 -13.51
CA ASP A 94 -9.99 4.81 -14.61
C ASP A 94 -9.36 5.68 -15.75
N GLN A 95 -8.44 6.57 -15.40
CA GLN A 95 -7.86 7.54 -16.32
C GLN A 95 -6.50 7.12 -16.90
N GLY A 96 -6.11 5.91 -16.58
CA GLY A 96 -4.86 5.32 -17.10
C GLY A 96 -3.58 5.55 -16.30
N ALA A 97 -3.73 6.21 -15.16
CA ALA A 97 -2.63 6.46 -14.23
C ALA A 97 -2.35 5.32 -13.28
N GLN A 98 -1.17 5.34 -12.68
CA GLN A 98 -0.81 4.42 -11.58
C GLN A 98 -0.53 5.27 -10.35
N VAL A 99 -0.61 4.61 -9.20
CA VAL A 99 -0.53 5.23 -7.93
C VAL A 99 0.36 4.51 -6.94
N THR A 100 0.99 5.33 -6.08
CA THR A 100 1.72 4.85 -4.94
C THR A 100 1.11 5.43 -3.69
N TYR A 101 0.58 4.57 -2.83
CA TYR A 101 -0.07 5.04 -1.56
C TYR A 101 0.95 4.97 -0.44
N ILE A 102 1.21 6.14 0.15
CA ILE A 102 2.09 6.24 1.30
C ILE A 102 1.23 6.61 2.53
N GLY A 103 1.01 5.65 3.44
CA GLY A 103 0.15 5.85 4.61
C GLY A 103 0.83 6.49 5.80
N PRO A 104 0.10 6.63 6.91
CA PRO A 104 0.54 7.36 8.05
C PRO A 104 1.82 6.77 8.70
N SER A 105 1.89 5.44 8.70
CA SER A 105 3.20 4.77 9.08
C SER A 105 4.32 4.95 8.02
N GLY A 106 3.95 5.07 6.75
CA GLY A 106 4.86 5.18 5.61
C GLY A 106 5.69 6.45 5.50
N SER A 107 5.13 7.56 5.96
CA SER A 107 5.80 8.86 5.77
C SER A 107 6.67 9.34 6.96
N GLN A 108 6.01 9.93 7.96
CA GLN A 108 6.70 10.60 9.07
C GLN A 108 7.33 12.01 8.65
N ILE A 109 7.04 12.51 7.43
CA ILE A 109 7.61 13.81 6.87
C ILE A 109 7.87 14.90 7.93
N GLY A 110 9.05 15.46 7.92
CA GLY A 110 9.37 16.44 8.92
C GLY A 110 10.05 15.83 10.11
N ASP A 111 10.05 14.52 10.22
CA ASP A 111 10.81 13.88 11.28
C ASP A 111 12.28 13.61 10.87
N LYS A 112 12.44 12.92 9.76
CA LYS A 112 13.75 12.52 9.29
C LYS A 112 14.12 13.39 8.07
N GLU A 113 13.11 13.93 7.38
CA GLU A 113 13.38 14.66 6.15
C GLU A 113 12.44 15.85 6.04
N SER A 114 12.95 17.01 5.65
CA SER A 114 12.11 18.17 5.59
C SER A 114 11.03 17.99 4.49
N MET A 115 9.89 18.61 4.67
CA MET A 115 8.88 18.63 3.57
C MET A 115 9.51 19.29 2.29
N LYS A 116 10.39 20.27 2.43
CA LYS A 116 10.99 20.89 1.22
C LYS A 116 11.75 19.84 0.42
N ASP A 117 12.48 18.98 1.13
CA ASP A 117 13.27 17.95 0.48
C ASP A 117 12.38 16.88 -0.09
N THR A 118 11.42 16.42 0.71
CA THR A 118 10.50 15.36 0.31
C THR A 118 9.74 15.81 -0.92
N ALA A 119 9.28 17.05 -0.94
CA ALA A 119 8.55 17.62 -2.10
C ALA A 119 9.38 17.55 -3.40
N ARG A 120 10.64 17.96 -3.30
CA ARG A 120 11.51 18.03 -4.45
C ARG A 120 11.83 16.61 -4.95
N VAL A 121 12.00 15.67 -4.04
CA VAL A 121 12.29 14.31 -4.46
C VAL A 121 11.09 13.71 -5.14
N LEU A 122 9.92 13.85 -4.56
CA LEU A 122 8.69 13.21 -5.12
C LEU A 122 8.36 13.85 -6.44
N GLY A 123 8.60 15.15 -6.54
CA GLY A 123 8.34 15.87 -7.77
C GLY A 123 9.22 15.48 -8.92
N ARG A 124 10.41 14.97 -8.65
CA ARG A 124 11.24 14.47 -9.72
C ARG A 124 10.75 13.10 -10.25
N MET A 125 10.08 12.34 -9.44
CA MET A 125 9.65 11.01 -9.89
C MET A 125 8.20 10.93 -10.36
N TYR A 126 7.29 11.65 -9.71
CA TYR A 126 5.90 11.57 -9.93
C TYR A 126 5.40 12.69 -10.78
N ASP A 127 4.21 12.53 -11.37
CA ASP A 127 3.59 13.55 -12.22
C ASP A 127 2.58 14.40 -11.46
N GLY A 128 2.15 13.90 -10.29
CA GLY A 128 1.17 14.60 -9.46
C GLY A 128 1.19 14.00 -8.06
N ILE A 129 0.84 14.83 -7.05
CA ILE A 129 0.91 14.39 -5.69
C ILE A 129 -0.35 14.81 -4.95
N GLN A 130 -0.94 13.89 -4.22
CA GLN A 130 -1.98 14.22 -3.23
C GLN A 130 -1.45 14.19 -1.87
N TYR A 131 -1.92 15.10 -1.04
CA TYR A 131 -1.53 15.17 0.34
C TYR A 131 -2.73 15.36 1.28
N ARG A 132 -2.84 14.51 2.26
CA ARG A 132 -3.78 14.71 3.39
C ARG A 132 -2.96 14.77 4.65
N GLY A 133 -3.20 15.80 5.47
CA GLY A 133 -2.49 15.91 6.68
C GLY A 133 -2.93 17.02 7.57
N PHE A 134 -1.96 17.69 8.19
CA PHE A 134 -2.26 18.60 9.28
C PHE A 134 -2.39 20.06 8.83
N GLY A 135 -1.49 20.93 9.20
CA GLY A 135 -1.68 22.33 8.82
C GLY A 135 -1.68 22.56 7.33
N GLN A 136 -2.57 23.47 6.90
CA GLN A 136 -2.59 24.00 5.54
C GLN A 136 -1.19 24.50 5.14
N ALA A 137 -0.44 25.07 6.08
CA ALA A 137 0.95 25.52 5.71
C ALA A 137 1.85 24.45 5.10
N ILE A 138 1.69 23.20 5.56
CA ILE A 138 2.45 22.07 5.07
C ILE A 138 2.12 21.77 3.62
N VAL A 139 0.85 21.74 3.31
CA VAL A 139 0.47 21.43 1.93
C VAL A 139 0.82 22.54 1.03
N GLU A 140 0.82 23.79 1.56
CA GLU A 140 1.23 24.89 0.72
C GLU A 140 2.71 24.83 0.44
N GLU A 141 3.51 24.43 1.42
CA GLU A 141 4.93 24.24 1.19
C GLU A 141 5.17 23.15 0.17
N LEU A 142 4.44 22.03 0.27
CA LEU A 142 4.50 20.96 -0.75
C LEU A 142 4.16 21.53 -2.16
N GLY A 143 3.10 22.30 -2.23
CA GLY A 143 2.68 22.91 -3.46
C GLY A 143 3.71 23.83 -4.06
N ALA A 144 4.46 24.54 -3.18
CA ALA A 144 5.49 25.49 -3.60
C ALA A 144 6.77 24.82 -4.11
N PHE A 145 7.08 23.62 -3.58
CA PHE A 145 8.37 23.00 -3.81
C PHE A 145 8.32 21.81 -4.73
N ALA A 146 7.15 21.19 -4.89
CA ALA A 146 7.14 19.88 -5.63
C ALA A 146 7.47 20.03 -7.09
N GLY A 147 6.98 21.08 -7.74
CA GLY A 147 7.18 21.19 -9.22
C GLY A 147 6.19 20.42 -10.10
N VAL A 148 5.16 19.79 -9.51
CA VAL A 148 4.14 19.12 -10.20
C VAL A 148 2.83 19.46 -9.46
N PRO A 149 1.66 19.19 -10.04
CA PRO A 149 0.43 19.54 -9.30
C PRO A 149 0.27 18.78 -8.00
N VAL A 150 -0.11 19.54 -6.98
CA VAL A 150 -0.32 19.04 -5.64
C VAL A 150 -1.76 19.30 -5.27
N TRP A 151 -2.44 18.25 -4.82
CA TRP A 151 -3.88 18.30 -4.56
C TRP A 151 -4.11 18.00 -3.07
N ASN A 152 -4.84 18.91 -2.42
CA ASN A 152 -5.17 18.78 -1.00
C ASN A 152 -6.38 17.83 -0.77
N GLY A 153 -6.11 16.68 -0.18
CA GLY A 153 -7.14 15.66 0.14
C GLY A 153 -7.70 15.75 1.53
N LEU A 154 -7.31 16.84 2.24
CA LEU A 154 -7.81 17.32 3.52
C LEU A 154 -6.61 17.82 4.39
N THR A 155 -6.82 18.99 4.96
CA THR A 155 -5.93 19.53 6.00
C THR A 155 -6.81 19.88 7.18
N ASP A 156 -6.18 20.34 8.26
CA ASP A 156 -6.93 20.92 9.33
C ASP A 156 -7.87 22.02 8.92
N GLU A 157 -7.42 22.86 8.03
CA GLU A 157 -8.19 24.08 7.66
C GLU A 157 -9.22 23.90 6.53
N PHE A 158 -8.91 23.08 5.54
CA PHE A 158 -9.75 22.98 4.34
C PHE A 158 -9.87 21.55 3.80
N HIS A 159 -10.98 21.30 3.19
CA HIS A 159 -11.21 19.99 2.46
C HIS A 159 -11.89 20.25 1.12
N PRO A 160 -11.14 20.76 0.14
CA PRO A 160 -11.79 21.34 -1.04
C PRO A 160 -12.43 20.29 -2.00
N THR A 161 -11.82 19.11 -2.09
CA THR A 161 -12.41 18.06 -2.95
C THR A 161 -13.79 17.65 -2.44
N GLN A 162 -13.96 17.59 -1.10
CA GLN A 162 -15.25 17.27 -0.52
C GLN A 162 -16.33 18.19 -1.04
N ILE A 163 -16.03 19.50 -1.02
CA ILE A 163 -17.05 20.46 -1.37
C ILE A 163 -17.42 20.43 -2.88
N LEU A 164 -16.45 20.11 -3.76
CA LEU A 164 -16.81 19.89 -5.14
C LEU A 164 -17.84 18.73 -5.29
N ALA A 165 -17.59 17.65 -4.60
CA ALA A 165 -18.53 16.54 -4.57
C ALA A 165 -19.87 16.96 -4.01
N ASP A 166 -19.87 17.73 -2.89
CA ASP A 166 -21.11 18.18 -2.33
C ASP A 166 -21.96 19.07 -3.28
N PHE A 167 -21.31 19.97 -4.00
CA PHE A 167 -21.99 20.87 -4.94
C PHE A 167 -22.52 20.10 -6.17
N LEU A 168 -21.75 19.16 -6.69
CA LEU A 168 -22.30 18.25 -7.74
C LEU A 168 -23.56 17.54 -7.25
N THR A 169 -23.56 16.98 -6.05
CA THR A 169 -24.68 16.26 -5.47
C THR A 169 -25.85 17.16 -5.30
N MET A 170 -25.59 18.41 -4.81
CA MET A 170 -26.71 19.36 -4.67
C MET A 170 -27.36 19.67 -6.02
N LEU A 171 -26.55 19.89 -7.05
CA LEU A 171 -27.11 20.13 -8.36
C LEU A 171 -27.93 18.94 -8.84
N GLU A 172 -27.40 17.75 -8.68
CA GLU A 172 -28.09 16.55 -9.14
C GLU A 172 -29.39 16.34 -8.42
N HIS A 173 -29.52 16.84 -7.22
CA HIS A 173 -30.70 16.66 -6.45
C HIS A 173 -31.54 17.94 -6.37
N SER A 174 -31.29 18.88 -7.24
CA SER A 174 -32.05 20.13 -7.35
C SER A 174 -32.60 20.44 -8.73
N GLN A 175 -33.05 19.44 -9.45
CA GLN A 175 -33.69 19.67 -10.79
C GLN A 175 -34.03 21.10 -11.16
N GLY A 176 -33.33 21.59 -12.17
CA GLY A 176 -33.49 22.95 -12.63
C GLY A 176 -32.42 23.85 -11.97
N LYS A 177 -32.31 23.82 -10.64
CA LYS A 177 -31.69 24.96 -9.96
C LYS A 177 -30.22 25.01 -10.23
N ALA A 178 -29.70 26.21 -10.35
CA ALA A 178 -28.25 26.41 -10.29
C ALA A 178 -27.82 26.61 -8.79
N LEU A 179 -26.52 26.53 -8.53
CA LEU A 179 -26.00 26.69 -7.15
C LEU A 179 -26.37 27.99 -6.53
N ALA A 180 -26.41 29.04 -7.34
CA ALA A 180 -26.75 30.38 -6.83
C ALA A 180 -28.22 30.46 -6.34
N ASP A 181 -29.05 29.54 -6.74
CA ASP A 181 -30.45 29.46 -6.23
C ASP A 181 -30.63 28.62 -4.93
N ILE A 182 -29.58 27.92 -4.50
CA ILE A 182 -29.69 26.97 -3.36
C ILE A 182 -29.39 27.62 -2.00
N GLN A 183 -30.15 27.17 -1.00
CA GLN A 183 -30.01 27.54 0.40
C GLN A 183 -29.70 26.31 1.20
N PHE A 184 -28.65 26.37 2.01
CA PHE A 184 -28.31 25.27 2.87
C PHE A 184 -27.67 25.68 4.16
N ALA A 185 -27.79 24.77 5.11
CA ALA A 185 -27.24 24.94 6.47
C ALA A 185 -26.28 23.85 6.81
N TYR A 186 -25.19 24.22 7.47
CA TYR A 186 -24.19 23.32 8.04
C TYR A 186 -24.31 23.46 9.54
N LEU A 187 -24.47 22.34 10.20
CA LEU A 187 -24.73 22.27 11.63
C LEU A 187 -23.55 21.68 12.35
N GLY A 188 -23.23 22.24 13.50
CA GLY A 188 -22.19 21.67 14.30
C GLY A 188 -20.94 22.48 14.47
N ASP A 189 -19.83 21.82 14.23
CA ASP A 189 -18.51 22.40 14.38
C ASP A 189 -18.17 23.13 13.11
N ALA A 190 -18.55 24.39 13.06
CA ALA A 190 -18.42 25.18 11.85
C ALA A 190 -17.01 25.55 11.39
N ARG A 191 -16.07 25.54 12.30
CA ARG A 191 -14.69 25.87 12.01
C ARG A 191 -13.85 24.69 11.62
N ASN A 192 -14.44 23.53 11.44
CA ASN A 192 -13.63 22.42 11.01
C ASN A 192 -13.43 22.60 9.49
N ASN A 193 -12.59 21.75 8.95
CA ASN A 193 -12.21 21.90 7.56
C ASN A 193 -13.41 21.96 6.62
N VAL A 194 -14.38 21.07 6.86
CA VAL A 194 -15.56 20.97 6.01
C VAL A 194 -16.43 22.25 6.12
N GLY A 195 -16.72 22.73 7.31
CA GLY A 195 -17.36 24.04 7.47
C GLY A 195 -16.69 25.19 6.75
N ASN A 196 -15.38 25.32 6.94
CA ASN A 196 -14.58 26.38 6.31
C ASN A 196 -14.75 26.33 4.76
N SER A 197 -14.57 25.15 4.22
CA SER A 197 -14.69 24.94 2.77
C SER A 197 -16.06 25.18 2.25
N LEU A 198 -17.08 24.75 3.02
CA LEU A 198 -18.46 25.01 2.61
C LEU A 198 -18.77 26.51 2.54
N MET A 199 -18.25 27.26 3.51
CA MET A 199 -18.39 28.69 3.49
C MET A 199 -17.72 29.37 2.30
N VAL A 200 -16.48 29.02 2.04
CA VAL A 200 -15.79 29.52 0.86
C VAL A 200 -16.54 29.21 -0.42
N GLY A 201 -16.89 27.92 -0.56
CA GLY A 201 -17.56 27.47 -1.74
C GLY A 201 -18.90 28.14 -1.99
N ALA A 202 -19.68 28.29 -0.95
CA ALA A 202 -20.95 28.99 -1.02
C ALA A 202 -20.76 30.45 -1.46
N ALA A 203 -19.77 31.16 -0.88
CA ALA A 203 -19.45 32.53 -1.28
C ALA A 203 -19.12 32.59 -2.78
N LYS A 204 -18.24 31.71 -3.18
CA LYS A 204 -17.75 31.69 -4.60
C LYS A 204 -18.92 31.42 -5.52
N MET A 205 -19.84 30.54 -5.14
CA MET A 205 -20.92 30.19 -6.03
C MET A 205 -22.27 30.98 -5.89
N GLY A 206 -22.33 31.95 -4.99
CA GLY A 206 -23.48 32.78 -4.86
C GLY A 206 -24.60 32.17 -4.12
N MET A 207 -24.27 31.16 -3.31
CA MET A 207 -25.27 30.43 -2.54
C MET A 207 -25.64 31.17 -1.22
N ASP A 208 -26.71 30.69 -0.59
CA ASP A 208 -27.11 31.14 0.69
C ASP A 208 -26.75 30.06 1.74
N ILE A 209 -25.66 30.30 2.48
CA ILE A 209 -25.19 29.33 3.50
C ILE A 209 -25.44 29.88 4.89
N ARG A 210 -25.90 29.02 5.78
CA ARG A 210 -26.00 29.31 7.19
C ARG A 210 -25.10 28.34 7.94
N LEU A 211 -24.22 28.90 8.77
CA LEU A 211 -23.41 28.11 9.69
C LEU A 211 -24.06 28.18 11.04
N VAL A 212 -24.49 27.02 11.52
CA VAL A 212 -25.41 26.94 12.65
C VAL A 212 -24.75 26.08 13.74
N GLY A 213 -24.31 26.70 14.80
CA GLY A 213 -23.60 26.03 15.82
C GLY A 213 -23.09 27.02 16.90
N PRO A 214 -22.46 26.51 17.93
CA PRO A 214 -21.93 27.44 18.94
C PRO A 214 -20.88 28.42 18.41
N GLN A 215 -20.93 29.64 18.95
CA GLN A 215 -20.10 30.70 18.53
C GLN A 215 -18.61 30.39 18.74
N ALA A 216 -18.29 29.61 19.77
CA ALA A 216 -16.90 29.26 20.04
C ALA A 216 -16.29 28.47 18.92
N TYR A 217 -17.16 27.84 18.12
CA TYR A 217 -16.71 27.03 17.01
C TYR A 217 -17.06 27.59 15.66
N TRP A 218 -17.34 28.89 15.61
CA TRP A 218 -17.51 29.56 14.29
C TRP A 218 -16.17 29.71 13.59
N PRO A 219 -16.18 29.77 12.24
CA PRO A 219 -14.92 30.04 11.58
C PRO A 219 -14.21 31.29 12.01
N ASP A 220 -12.91 31.27 11.80
CA ASP A 220 -12.05 32.44 12.01
C ASP A 220 -12.61 33.74 11.44
N GLU A 221 -12.58 34.82 12.23
CA GLU A 221 -13.25 36.03 11.79
C GLU A 221 -12.64 36.56 10.47
N GLU A 222 -11.34 36.37 10.27
CA GLU A 222 -10.68 36.85 9.02
C GLU A 222 -11.17 36.07 7.81
N LEU A 223 -11.38 34.77 8.00
CA LEU A 223 -12.01 33.98 6.92
C LEU A 223 -13.41 34.36 6.67
N VAL A 224 -14.15 34.64 7.71
CA VAL A 224 -15.54 35.04 7.49
C VAL A 224 -15.55 36.37 6.70
N ALA A 225 -14.66 37.30 7.07
CA ALA A 225 -14.68 38.58 6.44
C ALA A 225 -14.38 38.39 4.98
N ALA A 226 -13.40 37.56 4.67
CA ALA A 226 -13.00 37.29 3.29
C ALA A 226 -14.16 36.69 2.51
N CYS A 227 -14.89 35.74 3.09
CA CYS A 227 -16.03 35.16 2.42
C CYS A 227 -17.18 36.11 2.23
N GLN A 228 -17.42 36.99 3.18
CA GLN A 228 -18.47 37.95 3.08
C GLN A 228 -18.19 38.93 1.91
N ALA A 229 -16.93 39.22 1.72
CA ALA A 229 -16.49 40.11 0.62
C ALA A 229 -16.72 39.44 -0.73
N ILE A 230 -16.39 38.18 -0.81
CA ILE A 230 -16.60 37.39 -2.02
C ILE A 230 -18.09 37.31 -2.31
N ALA A 231 -18.87 36.94 -1.29
CA ALA A 231 -20.33 36.81 -1.43
C ALA A 231 -21.02 38.05 -1.91
N LYS A 232 -20.56 39.22 -1.48
CA LYS A 232 -21.19 40.49 -1.89
C LYS A 232 -21.10 40.67 -3.39
N GLN A 233 -20.04 40.18 -4.01
CA GLN A 233 -19.93 40.30 -5.47
C GLN A 233 -20.59 39.18 -6.22
N THR A 234 -20.89 38.06 -5.60
CA THR A 234 -21.59 36.97 -6.30
C THR A 234 -23.08 36.91 -6.06
N GLY A 235 -23.60 37.68 -5.13
CA GLY A 235 -25.01 37.52 -4.70
C GLY A 235 -25.25 36.42 -3.67
N GLY A 236 -24.16 35.92 -3.06
CA GLY A 236 -24.27 34.98 -1.97
C GLY A 236 -24.67 35.61 -0.66
N LYS A 237 -24.91 34.76 0.29
CA LYS A 237 -25.31 35.19 1.63
C LYS A 237 -24.71 34.25 2.64
N ILE A 238 -24.14 34.79 3.71
CA ILE A 238 -23.48 33.99 4.75
C ILE A 238 -24.07 34.44 6.08
N THR A 239 -24.64 33.52 6.81
CA THR A 239 -25.20 33.78 8.13
C THR A 239 -24.53 32.86 9.10
N LEU A 240 -24.01 33.43 10.18
CA LEU A 240 -23.53 32.62 11.30
C LEU A 240 -24.50 32.81 12.44
N THR A 241 -24.97 31.71 13.00
CA THR A 241 -25.96 31.78 14.00
C THR A 241 -25.89 30.60 14.94
N GLU A 242 -26.20 30.87 16.20
CA GLU A 242 -26.44 29.83 17.19
C GLU A 242 -27.92 29.36 17.24
N ASN A 243 -28.82 30.06 16.58
CA ASN A 243 -30.28 29.82 16.58
C ASN A 243 -30.66 28.79 15.46
N VAL A 244 -31.04 27.58 15.86
CA VAL A 244 -31.33 26.54 14.90
C VAL A 244 -32.44 26.92 13.97
N ALA A 245 -33.53 27.50 14.47
CA ALA A 245 -34.69 27.76 13.59
C ALA A 245 -34.35 28.76 12.49
N GLU A 246 -33.71 29.89 12.87
CA GLU A 246 -33.28 30.93 11.92
C GLU A 246 -32.32 30.29 10.95
N GLY A 247 -31.50 29.39 11.46
CA GLY A 247 -30.52 28.79 10.61
C GLY A 247 -31.06 27.84 9.57
N VAL A 248 -32.03 27.04 9.93
CA VAL A 248 -32.51 26.01 8.97
C VAL A 248 -33.73 26.35 8.20
N GLN A 249 -34.37 27.44 8.57
CA GLN A 249 -35.63 27.79 7.92
C GLN A 249 -35.44 27.92 6.39
N GLY A 250 -36.20 27.16 5.62
CA GLY A 250 -36.21 27.29 4.14
C GLY A 250 -35.12 26.58 3.42
N CYS A 251 -34.31 25.80 4.13
CA CYS A 251 -33.15 25.18 3.50
C CYS A 251 -33.56 24.02 2.56
N ASP A 252 -32.83 23.91 1.47
CA ASP A 252 -32.91 22.81 0.53
C ASP A 252 -32.11 21.59 1.04
N PHE A 253 -30.98 21.82 1.73
CA PHE A 253 -30.08 20.85 2.24
C PHE A 253 -29.63 21.19 3.63
N LEU A 254 -29.52 20.15 4.44
CA LEU A 254 -28.91 20.23 5.79
C LEU A 254 -27.73 19.31 5.77
N TYR A 255 -26.64 19.85 6.26
CA TYR A 255 -25.35 19.16 6.23
C TYR A 255 -24.71 19.12 7.63
N THR A 256 -24.12 17.97 7.98
CA THR A 256 -23.36 17.93 9.21
C THR A 256 -22.11 17.07 9.04
N ASP A 257 -21.34 16.94 10.15
CA ASP A 257 -20.11 16.22 10.22
C ASP A 257 -19.84 15.94 11.69
N VAL A 258 -18.97 14.97 11.95
CA VAL A 258 -18.62 14.59 13.28
CA VAL A 258 -18.61 14.57 13.26
C VAL A 258 -18.02 15.75 14.04
N TRP A 259 -18.37 15.84 15.30
CA TRP A 259 -18.08 17.03 16.11
C TRP A 259 -16.66 17.18 16.57
N VAL A 260 -15.86 16.12 16.49
CA VAL A 260 -14.42 16.16 16.77
C VAL A 260 -13.70 15.70 15.54
N SER A 261 -12.73 16.49 15.06
CA SER A 261 -11.99 16.08 13.84
C SER A 261 -10.70 15.31 14.06
N MET A 262 -10.25 14.58 13.05
CA MET A 262 -8.96 13.92 13.13
C MET A 262 -7.81 14.83 13.59
N GLY A 263 -6.91 14.29 14.40
CA GLY A 263 -5.80 15.13 14.97
C GLY A 263 -6.17 16.19 16.02
N GLU A 264 -7.44 16.25 16.37
CA GLU A 264 -7.85 16.71 17.70
C GLU A 264 -7.76 15.44 18.57
N SER A 265 -7.46 15.62 19.84
CA SER A 265 -7.33 14.49 20.74
C SER A 265 -8.66 14.05 21.30
N PRO A 266 -8.85 12.73 21.48
CA PRO A 266 -10.12 12.10 21.85
C PRO A 266 -10.70 12.64 23.12
N GLU A 267 -9.89 13.23 23.99
CA GLU A 267 -10.46 13.89 25.13
C GLU A 267 -11.33 15.09 24.74
N ALA A 268 -11.26 15.61 23.51
CA ALA A 268 -12.14 16.71 23.19
C ALA A 268 -13.63 16.36 23.18
N TRP A 269 -13.94 15.07 23.05
CA TRP A 269 -15.37 14.68 23.04
C TRP A 269 -16.04 15.09 24.34
N ASP A 270 -15.31 14.89 25.43
CA ASP A 270 -15.90 15.08 26.73
C ASP A 270 -16.50 16.45 26.86
N GLU A 271 -15.85 17.47 26.32
CA GLU A 271 -16.42 18.79 26.45
C GLU A 271 -17.03 19.38 25.23
N ARG A 272 -17.16 18.59 24.20
CA ARG A 272 -17.88 19.02 23.05
C ARG A 272 -19.30 18.46 22.80
N VAL A 273 -19.58 17.26 23.24
CA VAL A 273 -20.87 16.67 22.92
C VAL A 273 -22.07 17.52 23.43
N ALA A 274 -22.01 17.94 24.68
CA ALA A 274 -23.15 18.64 25.25
C ALA A 274 -23.35 20.02 24.54
N LEU A 275 -22.26 20.70 24.24
CA LEU A 275 -22.28 21.92 23.48
C LEU A 275 -22.87 21.76 22.11
N MET A 276 -22.55 20.65 21.45
CA MET A 276 -23.00 20.43 20.07
C MET A 276 -24.37 19.76 19.94
N LYS A 277 -24.77 19.01 20.95
CA LYS A 277 -26.02 18.27 20.99
C LYS A 277 -27.28 19.03 20.48
N PRO A 278 -27.46 20.28 20.80
CA PRO A 278 -28.63 21.00 20.22
C PRO A 278 -28.63 21.13 18.70
N TYR A 279 -27.46 20.89 18.09
CA TYR A 279 -27.31 21.00 16.67
C TYR A 279 -27.30 19.61 15.97
N GLN A 280 -27.62 18.56 16.70
CA GLN A 280 -27.83 17.25 16.11
C GLN A 280 -28.88 17.37 15.03
N VAL A 281 -28.63 16.73 13.89
CA VAL A 281 -29.71 16.66 12.84
C VAL A 281 -30.61 15.45 13.09
N ASN A 282 -31.79 15.73 13.59
CA ASN A 282 -32.81 14.74 13.86
C ASN A 282 -34.03 15.11 13.05
N MET A 283 -35.03 14.24 13.09
CA MET A 283 -36.24 14.51 12.32
C MET A 283 -36.92 15.84 12.66
N ASN A 284 -36.83 16.24 13.91
CA ASN A 284 -37.41 17.52 14.31
C ASN A 284 -36.74 18.74 13.63
N VAL A 285 -35.41 18.69 13.47
CA VAL A 285 -34.69 19.74 12.72
C VAL A 285 -35.16 19.78 11.27
N LEU A 286 -35.23 18.61 10.61
CA LEU A 286 -35.81 18.57 9.26
C LEU A 286 -37.18 19.21 9.16
N LYS A 287 -38.03 18.95 10.15
CA LYS A 287 -39.40 19.59 10.22
C LYS A 287 -39.32 21.11 10.37
N GLN A 288 -38.32 21.59 11.13
CA GLN A 288 -38.10 23.05 11.29
C GLN A 288 -37.68 23.82 10.04
N THR A 289 -37.18 23.14 9.02
CA THR A 289 -36.91 23.81 7.79
C THR A 289 -38.23 24.28 7.13
N GLY A 290 -39.34 23.59 7.45
CA GLY A 290 -40.62 23.91 6.78
C GLY A 290 -40.65 23.38 5.33
N ASN A 291 -39.64 22.60 4.95
CA ASN A 291 -39.46 22.13 3.56
C ASN A 291 -39.57 20.61 3.47
N PRO A 292 -40.71 20.12 2.97
CA PRO A 292 -40.85 18.64 2.96
C PRO A 292 -39.89 17.88 2.08
N ASN A 293 -39.24 18.58 1.16
CA ASN A 293 -38.25 18.00 0.27
C ASN A 293 -36.79 18.29 0.63
N VAL A 294 -36.57 18.76 1.86
CA VAL A 294 -35.18 18.96 2.38
C VAL A 294 -34.40 17.64 2.24
N LYS A 295 -33.12 17.77 1.90
CA LYS A 295 -32.27 16.59 1.80
C LYS A 295 -31.13 16.72 2.80
N PHE A 296 -30.65 15.59 3.23
CA PHE A 296 -29.62 15.53 4.23
C PHE A 296 -28.28 15.04 3.60
N MET A 297 -27.21 15.68 4.03
CA MET A 297 -25.82 15.41 3.52
C MET A 297 -24.86 15.32 4.71
N HIS A 298 -23.81 14.55 4.53
CA HIS A 298 -22.81 14.35 5.53
C HIS A 298 -21.57 13.89 4.77
N CYS A 299 -20.43 14.43 5.08
CA CYS A 299 -19.19 14.06 4.38
C CYS A 299 -18.71 12.60 4.65
N LEU A 300 -19.12 12.04 5.78
CA LEU A 300 -18.77 10.71 6.26
C LEU A 300 -17.31 10.65 6.65
N PRO A 301 -16.95 9.74 7.56
CA PRO A 301 -17.88 8.84 8.29
C PRO A 301 -18.78 9.51 9.26
N ALA A 302 -19.93 8.88 9.52
CA ALA A 302 -20.90 9.43 10.47
C ALA A 302 -21.06 8.52 11.68
N PHE A 303 -21.33 9.10 12.84
CA PHE A 303 -21.72 8.37 14.02
C PHE A 303 -23.25 8.49 14.31
N HIS A 304 -24.02 7.57 13.75
CA HIS A 304 -25.46 7.62 13.75
C HIS A 304 -26.14 6.49 14.48
N ASN A 305 -25.37 5.58 15.03
CA ASN A 305 -25.91 4.50 15.81
C ASN A 305 -24.80 3.86 16.65
N ASP A 306 -25.04 2.64 17.11
CA ASP A 306 -24.14 1.93 17.99
C ASP A 306 -23.29 0.88 17.29
N GLU A 307 -23.19 0.97 15.96
CA GLU A 307 -22.44 -0.01 15.16
C GLU A 307 -20.99 0.40 14.93
N THR A 308 -20.48 1.36 15.71
CA THR A 308 -19.08 1.59 15.79
C THR A 308 -18.69 1.68 17.26
N THR A 309 -17.48 1.26 17.59
CA THR A 309 -17.09 1.24 18.99
C THR A 309 -17.00 2.66 19.55
N ILE A 310 -16.49 3.58 18.76
CA ILE A 310 -16.34 4.98 19.21
C ILE A 310 -17.72 5.64 19.32
N GLY A 311 -18.57 5.44 18.32
CA GLY A 311 -19.88 6.08 18.33
C GLY A 311 -20.75 5.60 19.47
N LYS A 312 -20.67 4.28 19.77
CA LYS A 312 -21.41 3.73 20.90
C LYS A 312 -20.88 4.28 22.19
N GLN A 313 -19.57 4.32 22.35
CA GLN A 313 -19.01 4.67 23.60
C GLN A 313 -19.31 6.16 23.95
N VAL A 314 -19.19 7.00 22.99
CA VAL A 314 -19.44 8.41 23.16
C VAL A 314 -20.90 8.74 23.34
N ALA A 315 -21.77 8.20 22.48
CA ALA A 315 -23.13 8.39 22.61
C ALA A 315 -23.59 7.94 24.01
N ASP A 316 -23.15 6.74 24.42
CA ASP A 316 -23.58 6.17 25.70
C ASP A 316 -23.21 7.10 26.84
N LYS A 317 -22.03 7.70 26.75
CA LYS A 317 -21.57 8.61 27.79
C LYS A 317 -22.55 9.78 28.03
N PHE A 318 -23.31 10.10 27.01
CA PHE A 318 -24.34 11.18 27.06
C PHE A 318 -25.79 10.70 26.96
N GLY A 319 -25.98 9.43 27.05
CA GLY A 319 -27.31 8.82 26.97
C GLY A 319 -27.96 9.02 25.62
N MET A 320 -27.14 9.08 24.58
CA MET A 320 -27.62 9.30 23.22
C MET A 320 -27.71 8.00 22.43
N LYS A 321 -28.40 8.09 21.31
CA LYS A 321 -28.40 7.08 20.23
C LYS A 321 -28.06 7.90 18.96
N GLY A 322 -26.84 7.85 18.56
CA GLY A 322 -26.39 8.66 17.39
C GLY A 322 -25.93 10.01 17.93
N LEU A 323 -24.95 10.57 17.25
CA LEU A 323 -24.40 11.81 17.67
C LEU A 323 -24.87 12.95 16.78
N GLU A 324 -24.07 13.33 15.78
CA GLU A 324 -24.40 14.50 14.96
C GLU A 324 -25.63 14.30 14.09
N VAL A 325 -25.99 13.04 13.84
CA VAL A 325 -27.19 12.69 13.06
C VAL A 325 -27.82 11.40 13.62
N THR A 326 -29.14 11.34 13.60
CA THR A 326 -29.84 10.14 14.09
C THR A 326 -29.93 9.10 13.00
N GLU A 327 -30.03 7.84 13.43
CA GLU A 327 -30.26 6.77 12.47
C GLU A 327 -31.44 7.00 11.56
N GLU A 328 -32.52 7.48 12.16
CA GLU A 328 -33.73 7.76 11.43
C GLU A 328 -33.52 8.70 10.27
N VAL A 329 -32.79 9.79 10.50
CA VAL A 329 -32.50 10.72 9.40
C VAL A 329 -31.55 10.06 8.43
N PHE A 330 -30.50 9.47 8.96
CA PHE A 330 -29.37 9.00 8.11
C PHE A 330 -29.86 7.99 7.08
N GLU A 331 -30.81 7.14 7.51
CA GLU A 331 -31.36 6.04 6.65
C GLU A 331 -32.67 6.42 5.97
N SER A 332 -33.10 7.64 6.13
CA SER A 332 -34.42 8.09 5.55
C SER A 332 -34.30 8.37 4.04
N GLU A 333 -35.45 8.57 3.39
CA GLU A 333 -35.43 8.97 2.02
C GLU A 333 -34.84 10.36 1.78
N HIS A 334 -34.70 11.17 2.82
CA HIS A 334 -34.12 12.57 2.69
C HIS A 334 -32.61 12.50 2.59
N SER A 335 -32.04 11.38 3.05
CA SER A 335 -30.60 11.18 3.06
C SER A 335 -30.03 10.91 1.71
N ILE A 336 -29.03 11.68 1.30
CA ILE A 336 -28.31 11.49 0.00
C ILE A 336 -26.79 11.25 0.15
N VAL A 337 -26.44 10.73 1.31
CA VAL A 337 -25.01 10.60 1.66
C VAL A 337 -24.22 9.67 0.77
N PHE A 338 -24.87 8.62 0.24
CA PHE A 338 -24.08 7.66 -0.56
C PHE A 338 -23.91 8.13 -2.00
N ASP A 339 -24.86 8.91 -2.47
CA ASP A 339 -24.66 9.67 -3.74
C ASP A 339 -23.53 10.71 -3.64
N GLU A 340 -23.52 11.39 -2.49
CA GLU A 340 -22.44 12.33 -2.19
C GLU A 340 -21.11 11.64 -2.13
N ALA A 341 -21.08 10.45 -1.47
CA ALA A 341 -19.83 9.73 -1.36
C ALA A 341 -19.32 9.27 -2.75
N GLU A 342 -20.20 8.72 -3.57
CA GLU A 342 -19.80 8.33 -4.94
C GLU A 342 -19.21 9.51 -5.71
N ASN A 343 -19.80 10.67 -5.53
CA ASN A 343 -19.32 11.86 -6.23
C ASN A 343 -17.95 12.40 -5.78
N ARG A 344 -17.44 11.88 -4.68
CA ARG A 344 -16.04 12.14 -4.32
C ARG A 344 -15.12 11.73 -5.46
N MET A 345 -15.42 10.56 -6.07
CA MET A 345 -14.52 10.01 -7.08
C MET A 345 -14.60 10.83 -8.37
N HIS A 346 -15.81 11.07 -8.82
CA HIS A 346 -15.95 11.79 -10.10
C HIS A 346 -15.31 13.21 -10.02
N THR A 347 -15.44 13.87 -8.88
CA THR A 347 -14.88 15.23 -8.69
C THR A 347 -13.36 15.22 -8.53
N ILE A 348 -12.84 14.27 -7.78
CA ILE A 348 -11.35 14.07 -7.75
C ILE A 348 -10.83 13.81 -9.13
N LYS A 349 -11.57 13.00 -9.90
CA LYS A 349 -11.17 12.70 -11.27
C LYS A 349 -11.07 14.00 -12.12
N ALA A 350 -12.04 14.86 -11.94
CA ALA A 350 -12.07 16.14 -12.64
C ALA A 350 -10.85 17.02 -12.31
N VAL A 351 -10.51 17.08 -11.04
CA VAL A 351 -9.39 17.85 -10.59
C VAL A 351 -8.08 17.33 -11.23
N MET A 352 -7.90 16.02 -11.22
CA MET A 352 -6.70 15.48 -11.79
C MET A 352 -6.68 15.63 -13.32
N VAL A 353 -7.79 15.37 -13.98
CA VAL A 353 -7.86 15.54 -15.41
C VAL A 353 -7.64 16.99 -15.86
N ALA A 354 -8.26 17.91 -15.16
CA ALA A 354 -8.08 19.35 -15.46
C ALA A 354 -6.63 19.83 -15.30
N THR A 355 -5.96 19.38 -14.27
CA THR A 355 -4.67 19.91 -13.89
C THR A 355 -3.52 19.17 -14.50
N LEU A 356 -3.74 17.90 -14.84
CA LEU A 356 -2.65 17.00 -15.30
C LEU A 356 -3.00 16.32 -16.61
N GLY A 357 -4.26 16.39 -17.02
CA GLY A 357 -4.70 15.58 -18.16
C GLY A 357 -4.27 16.17 -19.48
N SER A 358 -4.15 15.31 -20.49
CA SER A 358 -3.85 15.79 -21.86
C SER A 358 -4.10 14.69 -22.87
N PHE B 27 -23.61 -21.49 -17.70
CA PHE B 27 -24.14 -20.90 -16.42
C PHE B 27 -23.04 -20.24 -15.63
N ASN B 28 -23.44 -19.32 -14.77
CA ASN B 28 -22.47 -18.54 -14.07
C ASN B 28 -22.86 -18.09 -12.67
N LEU B 29 -21.85 -17.60 -12.00
CA LEU B 29 -21.98 -17.12 -10.69
C LEU B 29 -21.89 -15.62 -10.78
N ARG B 30 -22.17 -15.10 -11.94
CA ARG B 30 -22.00 -13.71 -12.18
C ARG B 30 -22.80 -12.97 -11.14
N ASN B 31 -22.12 -12.05 -10.50
CA ASN B 31 -22.63 -11.24 -9.43
C ASN B 31 -22.88 -11.85 -8.09
N ARG B 32 -22.55 -13.11 -7.93
CA ARG B 32 -22.64 -13.72 -6.62
C ARG B 32 -21.48 -13.20 -5.78
N ASN B 33 -21.66 -13.27 -4.47
CA ASN B 33 -20.55 -13.23 -3.47
C ASN B 33 -19.91 -14.59 -3.35
N PHE B 34 -18.74 -14.67 -2.75
CA PHE B 34 -18.02 -15.94 -2.44
C PHE B 34 -17.65 -15.90 -0.99
N LEU B 35 -18.61 -16.29 -0.13
CA LEU B 35 -18.47 -16.14 1.32
C LEU B 35 -18.10 -17.37 2.06
N LYS B 36 -18.55 -18.52 1.55
CA LYS B 36 -18.28 -19.79 2.17
C LYS B 36 -18.80 -20.89 1.20
N LEU B 37 -18.22 -22.06 1.26
CA LEU B 37 -18.59 -23.13 0.29
C LEU B 37 -19.98 -23.65 0.54
N LEU B 38 -20.46 -23.52 1.77
CA LEU B 38 -21.85 -23.86 2.06
C LEU B 38 -22.83 -23.21 1.10
N ASP B 39 -22.48 -22.09 0.51
CA ASP B 39 -23.42 -21.33 -0.32
C ASP B 39 -23.50 -21.84 -1.75
N PHE B 40 -22.72 -22.88 -2.09
CA PHE B 40 -22.55 -23.29 -3.45
C PHE B 40 -22.92 -24.76 -3.58
N SER B 41 -23.39 -25.09 -4.75
CA SER B 41 -23.69 -26.48 -5.12
C SER B 41 -22.42 -27.23 -5.59
N THR B 42 -22.53 -28.56 -5.67
CA THR B 42 -21.45 -29.39 -6.11
C THR B 42 -20.98 -28.90 -7.49
N LYS B 43 -21.92 -28.71 -8.40
CA LYS B 43 -21.56 -28.35 -9.78
C LYS B 43 -20.94 -26.96 -9.88
N GLU B 44 -21.35 -26.08 -9.00
CA GLU B 44 -20.81 -24.71 -9.01
C GLU B 44 -19.38 -24.73 -8.52
N ILE B 45 -19.09 -25.49 -7.48
CA ILE B 45 -17.69 -25.62 -7.01
C ILE B 45 -16.81 -26.26 -8.11
N GLN B 46 -17.29 -27.34 -8.73
CA GLN B 46 -16.57 -27.95 -9.83
C GLN B 46 -16.31 -27.00 -10.97
N PHE B 47 -17.31 -26.23 -11.32
CA PHE B 47 -17.12 -25.21 -12.33
C PHE B 47 -15.98 -24.25 -12.02
N LEU B 48 -15.94 -23.81 -10.78
CA LEU B 48 -14.86 -22.88 -10.34
C LEU B 48 -13.50 -23.55 -10.46
N ILE B 49 -13.45 -24.80 -10.05
CA ILE B 49 -12.19 -25.52 -10.14
C ILE B 49 -11.81 -25.65 -11.63
N ASP B 50 -12.77 -26.05 -12.49
CA ASP B 50 -12.46 -26.26 -13.93
C ASP B 50 -11.98 -24.95 -14.57
N LEU B 51 -12.64 -23.86 -14.16
CA LEU B 51 -12.24 -22.55 -14.63
C LEU B 51 -10.83 -22.17 -14.19
N SER B 52 -10.51 -22.53 -12.95
CA SER B 52 -9.15 -22.30 -12.42
C SER B 52 -8.11 -22.99 -13.30
N ALA B 53 -8.46 -24.22 -13.69
CA ALA B 53 -7.51 -25.01 -14.54
C ALA B 53 -7.29 -24.35 -15.92
N ASP B 54 -8.39 -23.80 -16.47
CA ASP B 54 -8.36 -23.19 -17.79
C ASP B 54 -7.55 -21.88 -17.76
N LEU B 55 -7.77 -21.12 -16.70
CA LEU B 55 -6.97 -19.87 -16.46
C LEU B 55 -5.50 -20.14 -16.20
N LYS B 56 -5.21 -21.23 -15.50
CA LYS B 56 -3.82 -21.59 -15.29
C LYS B 56 -3.14 -21.91 -16.65
N LYS B 57 -3.77 -22.80 -17.41
CA LYS B 57 -3.25 -23.17 -18.73
C LYS B 57 -3.03 -21.93 -19.57
N ALA B 58 -4.00 -21.02 -19.55
CA ALA B 58 -3.91 -19.86 -20.41
C ALA B 58 -2.78 -18.94 -20.05
N LYS B 59 -2.53 -18.77 -18.74
CA LYS B 59 -1.39 -17.96 -18.30
C LYS B 59 -0.08 -18.56 -18.80
N TYR B 60 0.08 -19.85 -18.60
CA TYR B 60 1.31 -20.51 -19.01
C TYR B 60 1.48 -20.46 -20.54
N ALA B 61 0.36 -20.58 -21.25
CA ALA B 61 0.38 -20.52 -22.74
C ALA B 61 0.47 -19.11 -23.31
N GLY B 62 0.35 -18.08 -22.48
CA GLY B 62 0.40 -16.71 -22.96
C GLY B 62 -0.85 -16.30 -23.74
N THR B 63 -1.96 -17.00 -23.52
CA THR B 63 -3.21 -16.75 -24.23
C THR B 63 -4.28 -16.17 -23.29
N GLU B 64 -3.87 -15.64 -22.15
CA GLU B 64 -4.87 -15.24 -21.16
C GLU B 64 -5.70 -14.09 -21.69
N GLN B 65 -7.01 -14.21 -21.63
CA GLN B 65 -7.89 -13.14 -22.06
C GLN B 65 -8.29 -12.34 -20.83
N LYS B 66 -8.17 -11.02 -20.90
CA LYS B 66 -8.45 -10.19 -19.69
C LYS B 66 -9.94 -9.92 -19.54
N LYS B 67 -10.56 -10.60 -18.62
CA LYS B 67 -11.97 -10.48 -18.43
C LYS B 67 -12.31 -9.43 -17.38
N LEU B 68 -11.32 -8.86 -16.67
CA LEU B 68 -11.60 -7.86 -15.68
C LEU B 68 -11.01 -6.50 -16.07
N LEU B 69 -10.84 -6.27 -17.36
CA LEU B 69 -10.27 -5.04 -17.86
C LEU B 69 -11.03 -3.86 -17.43
N GLY B 70 -10.36 -2.89 -16.83
CA GLY B 70 -11.04 -1.67 -16.37
C GLY B 70 -11.77 -1.82 -15.05
N LYS B 71 -11.78 -2.99 -14.42
CA LYS B 71 -12.46 -3.16 -13.14
C LYS B 71 -11.45 -2.74 -12.00
N ASN B 72 -12.00 -2.19 -10.96
CA ASN B 72 -11.23 -1.81 -9.80
C ASN B 72 -11.67 -2.62 -8.65
N ILE B 73 -10.71 -3.16 -7.92
CA ILE B 73 -11.10 -3.98 -6.79
CA ILE B 73 -11.21 -3.83 -6.75
C ILE B 73 -10.50 -3.50 -5.45
N ALA B 74 -11.25 -3.60 -4.37
CA ALA B 74 -10.71 -3.25 -3.08
C ALA B 74 -10.45 -4.47 -2.26
N LEU B 75 -9.31 -4.48 -1.63
CA LEU B 75 -8.77 -5.64 -0.83
C LEU B 75 -8.63 -5.22 0.60
N ILE B 76 -9.59 -5.65 1.42
CA ILE B 76 -9.61 -5.21 2.83
C ILE B 76 -9.09 -6.34 3.67
N PHE B 77 -8.02 -6.07 4.39
CA PHE B 77 -7.37 -7.06 5.29
C PHE B 77 -7.34 -6.51 6.70
N GLU B 78 -8.25 -7.01 7.54
CA GLU B 78 -8.27 -6.63 8.96
C GLU B 78 -7.19 -7.28 9.74
N LYS B 79 -6.68 -8.40 9.24
CA LYS B 79 -5.46 -9.04 9.78
C LYS B 79 -4.55 -9.34 8.58
N ALA B 80 -3.24 -9.22 8.79
CA ALA B 80 -2.32 -9.43 7.71
C ALA B 80 -2.37 -10.87 7.19
N SER B 81 -2.37 -10.98 5.87
CA SER B 81 -2.34 -12.28 5.21
C SER B 81 -1.69 -12.07 3.88
N THR B 82 -0.37 -12.01 3.88
CA THR B 82 0.39 -11.65 2.66
C THR B 82 0.21 -12.60 1.54
N ARG B 83 0.15 -13.87 1.87
CA ARG B 83 -0.19 -14.92 0.87
C ARG B 83 -1.52 -14.77 0.13
N THR B 84 -2.62 -14.61 0.89
CA THR B 84 -3.92 -14.38 0.28
C THR B 84 -3.92 -13.08 -0.49
N ARG B 85 -3.32 -12.03 0.11
CA ARG B 85 -3.22 -10.77 -0.54
C ARG B 85 -2.53 -10.88 -1.88
N CYS B 86 -1.38 -11.54 -1.94
CA CYS B 86 -0.62 -11.56 -3.18
C CYS B 86 -1.39 -12.31 -4.27
N ALA B 87 -2.07 -13.37 -3.88
CA ALA B 87 -2.91 -14.16 -4.79
C ALA B 87 -4.00 -13.33 -5.40
N PHE B 88 -4.74 -12.57 -4.57
CA PHE B 88 -5.67 -11.59 -5.16
C PHE B 88 -5.04 -10.51 -6.07
N GLU B 89 -3.92 -9.91 -5.65
CA GLU B 89 -3.33 -8.87 -6.46
C GLU B 89 -2.86 -9.36 -7.85
N VAL B 90 -2.09 -10.44 -7.85
CA VAL B 90 -1.58 -11.03 -9.09
C VAL B 90 -2.74 -11.46 -9.97
N ALA B 91 -3.74 -12.10 -9.38
CA ALA B 91 -4.92 -12.55 -10.21
C ALA B 91 -5.63 -11.38 -10.84
N ALA B 92 -5.83 -10.32 -10.05
CA ALA B 92 -6.42 -9.12 -10.58
C ALA B 92 -5.59 -8.49 -11.70
N PHE B 93 -4.31 -8.31 -11.44
CA PHE B 93 -3.40 -7.68 -12.39
C PHE B 93 -3.36 -8.47 -13.72
N ASP B 94 -3.23 -9.77 -13.63
CA ASP B 94 -3.29 -10.66 -14.85
C ASP B 94 -4.57 -10.45 -15.71
N GLN B 95 -5.68 -10.16 -15.05
CA GLN B 95 -6.98 -10.05 -15.69
C GLN B 95 -7.35 -8.63 -16.13
N GLY B 96 -6.41 -7.69 -15.94
CA GLY B 96 -6.56 -6.33 -16.37
C GLY B 96 -7.18 -5.40 -15.36
N ALA B 97 -7.38 -5.90 -14.14
CA ALA B 97 -7.95 -5.05 -13.06
C ALA B 97 -6.85 -4.29 -12.32
N GLN B 98 -7.29 -3.32 -11.55
CA GLN B 98 -6.43 -2.60 -10.62
C GLN B 98 -7.00 -2.82 -9.21
N VAL B 99 -6.12 -2.65 -8.22
CA VAL B 99 -6.43 -2.96 -6.88
C VAL B 99 -6.05 -1.89 -5.87
N THR B 100 -6.85 -1.78 -4.79
CA THR B 100 -6.50 -0.96 -3.66
C THR B 100 -6.39 -1.85 -2.47
N TYR B 101 -5.22 -1.92 -1.87
CA TYR B 101 -5.02 -2.70 -0.68
C TYR B 101 -5.20 -1.84 0.57
N ILE B 102 -6.15 -2.20 1.43
CA ILE B 102 -6.39 -1.56 2.67
C ILE B 102 -6.01 -2.57 3.78
N GLY B 103 -4.93 -2.26 4.45
CA GLY B 103 -4.40 -3.18 5.49
C GLY B 103 -4.98 -2.91 6.88
N PRO B 104 -4.44 -3.58 7.88
CA PRO B 104 -5.07 -3.60 9.19
C PRO B 104 -5.17 -2.21 9.79
N SER B 105 -4.14 -1.40 9.60
CA SER B 105 -4.20 -0.04 10.10
C SER B 105 -5.06 0.86 9.28
N GLY B 106 -5.23 0.54 8.00
CA GLY B 106 -6.02 1.36 7.07
C GLY B 106 -7.53 1.29 7.27
N SER B 107 -7.98 0.15 7.78
CA SER B 107 -9.40 -0.12 7.92
C SER B 107 -10.00 0.67 9.07
N GLN B 108 -11.04 1.43 8.77
CA GLN B 108 -11.81 2.15 9.76
C GLN B 108 -13.07 1.41 10.29
N ILE B 109 -13.24 0.18 9.82
CA ILE B 109 -14.48 -0.56 9.98
C ILE B 109 -14.69 -0.98 11.43
N GLY B 110 -15.88 -0.72 11.97
CA GLY B 110 -16.30 -1.20 13.28
C GLY B 110 -15.83 -0.28 14.39
N ASP B 111 -14.80 0.50 14.17
CA ASP B 111 -14.40 1.46 15.23
C ASP B 111 -14.76 2.90 14.95
N LYS B 112 -14.45 3.42 13.74
CA LYS B 112 -14.82 4.72 13.27
C LYS B 112 -16.00 4.79 12.27
N GLU B 113 -16.26 3.70 11.58
CA GLU B 113 -17.31 3.64 10.59
C GLU B 113 -17.95 2.27 10.53
N SER B 114 -19.26 2.23 10.45
CA SER B 114 -19.92 0.96 10.45
C SER B 114 -19.62 0.16 9.19
N MET B 115 -19.70 -1.15 9.31
CA MET B 115 -19.58 -1.99 8.11
C MET B 115 -20.70 -1.69 7.11
N LYS B 116 -21.94 -1.45 7.57
CA LYS B 116 -23.01 -1.14 6.58
C LYS B 116 -22.65 0.07 5.75
N ASP B 117 -22.14 1.10 6.38
CA ASP B 117 -21.77 2.37 5.68
C ASP B 117 -20.60 2.15 4.79
N THR B 118 -19.56 1.50 5.32
CA THR B 118 -18.39 1.20 4.57
C THR B 118 -18.72 0.34 3.31
N ALA B 119 -19.57 -0.68 3.47
CA ALA B 119 -19.96 -1.50 2.33
C ALA B 119 -20.62 -0.65 1.24
N ARG B 120 -21.54 0.22 1.64
CA ARG B 120 -22.27 1.01 0.66
C ARG B 120 -21.38 1.99 -0.05
N VAL B 121 -20.44 2.58 0.66
CA VAL B 121 -19.49 3.49 0.03
C VAL B 121 -18.55 2.77 -0.94
N LEU B 122 -17.95 1.66 -0.52
CA LEU B 122 -17.00 0.95 -1.35
C LEU B 122 -17.71 0.41 -2.58
N GLY B 123 -18.97 0.02 -2.39
CA GLY B 123 -19.76 -0.54 -3.46
C GLY B 123 -20.08 0.47 -4.52
N ARG B 124 -20.07 1.75 -4.16
CA ARG B 124 -20.22 2.79 -5.16
C ARG B 124 -18.97 3.06 -5.97
N MET B 125 -17.80 2.84 -5.41
CA MET B 125 -16.59 3.18 -6.13
C MET B 125 -15.92 1.99 -6.82
N TYR B 126 -16.02 0.82 -6.22
CA TYR B 126 -15.33 -0.37 -6.69
C TYR B 126 -16.29 -1.37 -7.35
N ASP B 127 -15.69 -2.27 -8.14
CA ASP B 127 -16.45 -3.28 -8.88
C ASP B 127 -16.52 -4.60 -8.18
N GLY B 128 -15.65 -4.77 -7.19
CA GLY B 128 -15.63 -5.98 -6.38
C GLY B 128 -14.79 -5.75 -5.15
N ILE B 129 -15.05 -6.54 -4.10
CA ILE B 129 -14.39 -6.31 -2.80
C ILE B 129 -14.00 -7.63 -2.12
N GLN B 130 -12.74 -7.76 -1.75
CA GLN B 130 -12.27 -8.85 -0.94
C GLN B 130 -12.19 -8.41 0.52
N TYR B 131 -12.53 -9.30 1.42
CA TYR B 131 -12.49 -9.02 2.88
C TYR B 131 -11.89 -10.21 3.59
N ARG B 132 -10.85 -9.95 4.37
CA ARG B 132 -10.28 -10.93 5.28
C ARG B 132 -10.37 -10.35 6.67
N GLY B 133 -10.96 -11.11 7.58
CA GLY B 133 -11.19 -10.59 8.94
C GLY B 133 -11.50 -11.59 9.97
N PHE B 134 -12.41 -11.18 10.83
CA PHE B 134 -12.72 -11.94 12.00
C PHE B 134 -13.99 -12.78 11.77
N GLY B 135 -15.12 -12.48 12.37
CA GLY B 135 -16.24 -13.37 12.26
C GLY B 135 -16.81 -13.40 10.87
N GLN B 136 -17.36 -14.56 10.52
CA GLN B 136 -18.16 -14.70 9.34
C GLN B 136 -19.31 -13.69 9.25
N ALA B 137 -19.91 -13.35 10.39
CA ALA B 137 -21.06 -12.43 10.37
C ALA B 137 -20.69 -11.05 9.70
N ILE B 138 -19.43 -10.62 9.90
CA ILE B 138 -18.94 -9.34 9.36
C ILE B 138 -18.92 -9.36 7.82
N VAL B 139 -18.33 -10.40 7.27
CA VAL B 139 -18.28 -10.50 5.84
C VAL B 139 -19.68 -10.71 5.24
N GLU B 140 -20.56 -11.40 5.95
CA GLU B 140 -21.94 -11.59 5.47
C GLU B 140 -22.69 -10.27 5.39
N GLU B 141 -22.48 -9.41 6.38
CA GLU B 141 -23.02 -8.05 6.30
C GLU B 141 -22.43 -7.21 5.17
N LEU B 142 -21.11 -7.29 4.95
CA LEU B 142 -20.51 -6.65 3.76
C LEU B 142 -21.17 -7.17 2.47
N GLY B 143 -21.29 -8.50 2.40
CA GLY B 143 -21.96 -9.15 1.24
C GLY B 143 -23.39 -8.74 1.00
N ALA B 144 -24.11 -8.40 2.06
CA ALA B 144 -25.51 -7.97 1.96
C ALA B 144 -25.68 -6.52 1.54
N PHE B 145 -24.70 -5.69 1.83
CA PHE B 145 -24.85 -4.26 1.64
C PHE B 145 -24.05 -3.66 0.51
N ALA B 146 -22.99 -4.33 0.07
CA ALA B 146 -22.05 -3.71 -0.86
C ALA B 146 -22.64 -3.49 -2.24
N GLY B 147 -23.50 -4.39 -2.68
CA GLY B 147 -24.09 -4.26 -4.04
C GLY B 147 -23.16 -4.66 -5.17
N VAL B 148 -22.02 -5.23 -4.85
CA VAL B 148 -21.08 -5.76 -5.86
C VAL B 148 -20.54 -7.05 -5.25
N PRO B 149 -19.93 -7.92 -6.06
CA PRO B 149 -19.40 -9.16 -5.44
C PRO B 149 -18.39 -9.00 -4.34
N VAL B 150 -18.60 -9.74 -3.27
CA VAL B 150 -17.80 -9.73 -2.08
C VAL B 150 -17.21 -11.12 -1.95
N TRP B 151 -15.89 -11.17 -1.75
CA TRP B 151 -15.15 -12.44 -1.63
C TRP B 151 -14.45 -12.55 -0.28
N ASN B 152 -14.68 -13.67 0.41
CA ASN B 152 -14.08 -13.98 1.70
C ASN B 152 -12.66 -14.59 1.58
N GLY B 153 -11.65 -13.78 1.91
CA GLY B 153 -10.26 -14.21 1.94
C GLY B 153 -9.84 -15.00 3.16
N LEU B 154 -10.73 -15.10 4.12
CA LEU B 154 -10.59 -15.89 5.37
C LEU B 154 -11.30 -15.19 6.50
N THR B 155 -12.06 -15.97 7.23
CA THR B 155 -12.66 -15.62 8.48
C THR B 155 -12.31 -16.65 9.55
N ASP B 156 -12.69 -16.39 10.77
CA ASP B 156 -12.54 -17.35 11.84
C ASP B 156 -13.14 -18.72 11.46
N GLU B 157 -14.28 -18.69 10.81
CA GLU B 157 -15.05 -19.92 10.59
C GLU B 157 -14.57 -20.67 9.36
N PHE B 158 -14.23 -19.93 8.29
CA PHE B 158 -14.09 -20.52 6.97
C PHE B 158 -12.94 -19.90 6.18
N HIS B 159 -12.32 -20.76 5.38
CA HIS B 159 -11.29 -20.35 4.42
C HIS B 159 -11.57 -20.95 3.05
N PRO B 160 -12.62 -20.45 2.39
CA PRO B 160 -13.03 -21.10 1.16
C PRO B 160 -12.06 -21.04 -0.02
N THR B 161 -11.29 -19.94 -0.14
CA THR B 161 -10.34 -19.87 -1.25
C THR B 161 -9.23 -20.89 -1.16
N GLN B 162 -8.79 -21.19 0.05
CA GLN B 162 -7.76 -22.20 0.28
C GLN B 162 -8.23 -23.57 -0.24
N ILE B 163 -9.47 -23.90 0.09
CA ILE B 163 -9.97 -25.25 -0.24
C ILE B 163 -10.14 -25.42 -1.73
N LEU B 164 -10.52 -24.35 -2.44
CA LEU B 164 -10.52 -24.42 -3.89
C LEU B 164 -9.14 -24.80 -4.41
N ALA B 165 -8.14 -24.06 -3.93
CA ALA B 165 -6.76 -24.31 -4.36
C ALA B 165 -6.38 -25.73 -4.06
N ASP B 166 -6.72 -26.19 -2.90
CA ASP B 166 -6.41 -27.60 -2.55
C ASP B 166 -7.06 -28.63 -3.48
N PHE B 167 -8.33 -28.41 -3.77
CA PHE B 167 -9.05 -29.37 -4.62
C PHE B 167 -8.50 -29.34 -6.04
N LEU B 168 -8.12 -28.17 -6.53
CA LEU B 168 -7.47 -28.13 -7.86
C LEU B 168 -6.16 -28.91 -7.85
N THR B 169 -5.38 -28.73 -6.78
CA THR B 169 -4.11 -29.39 -6.67
C THR B 169 -4.35 -30.95 -6.62
N MET B 170 -5.33 -31.35 -5.83
CA MET B 170 -5.64 -32.79 -5.77
C MET B 170 -5.92 -33.35 -7.17
N LEU B 171 -6.76 -32.64 -7.93
CA LEU B 171 -7.15 -33.13 -9.27
C LEU B 171 -5.95 -33.21 -10.20
N GLU B 172 -5.06 -32.21 -10.13
CA GLU B 172 -3.83 -32.24 -10.92
C GLU B 172 -2.89 -33.40 -10.55
N HIS B 173 -2.98 -33.87 -9.35
CA HIS B 173 -2.05 -34.90 -8.89
C HIS B 173 -2.67 -36.29 -8.64
N SER B 174 -3.85 -36.52 -9.21
CA SER B 174 -4.55 -37.75 -8.90
C SER B 174 -4.79 -38.67 -10.10
N GLN B 175 -4.04 -38.50 -11.18
CA GLN B 175 -4.05 -39.43 -12.32
C GLN B 175 -5.44 -39.55 -12.92
N GLY B 176 -6.15 -38.45 -13.06
CA GLY B 176 -7.48 -38.51 -13.64
C GLY B 176 -8.64 -38.95 -12.75
N LYS B 177 -8.39 -39.28 -11.49
CA LYS B 177 -9.48 -39.54 -10.55
C LYS B 177 -10.24 -38.27 -10.32
N ALA B 178 -11.55 -38.36 -10.33
CA ALA B 178 -12.38 -37.19 -10.01
C ALA B 178 -12.37 -36.99 -8.46
N LEU B 179 -12.82 -35.82 -7.99
CA LEU B 179 -12.88 -35.59 -6.54
C LEU B 179 -13.74 -36.60 -5.78
N ALA B 180 -14.88 -37.01 -6.35
CA ALA B 180 -15.71 -37.96 -5.67
C ALA B 180 -15.02 -39.33 -5.43
N ASP B 181 -13.97 -39.63 -6.18
CA ASP B 181 -13.20 -40.87 -6.04
C ASP B 181 -11.96 -40.72 -5.12
N ILE B 182 -11.71 -39.51 -4.62
CA ILE B 182 -10.58 -39.25 -3.73
C ILE B 182 -10.87 -39.51 -2.23
N GLN B 183 -9.86 -40.08 -1.58
CA GLN B 183 -9.78 -40.23 -0.14
C GLN B 183 -8.61 -39.44 0.41
N PHE B 184 -8.86 -38.65 1.45
CA PHE B 184 -7.79 -37.92 2.13
C PHE B 184 -8.02 -37.75 3.61
N ALA B 185 -6.92 -37.58 4.29
CA ALA B 185 -6.90 -37.33 5.70
C ALA B 185 -6.28 -35.97 6.03
N TYR B 186 -6.91 -35.31 6.97
CA TYR B 186 -6.39 -34.10 7.59
C TYR B 186 -5.99 -34.47 9.04
N LEU B 187 -4.74 -34.19 9.37
CA LEU B 187 -4.16 -34.54 10.65
C LEU B 187 -3.97 -33.28 11.53
N GLY B 188 -4.29 -33.43 12.79
CA GLY B 188 -3.88 -32.47 13.81
C GLY B 188 -5.07 -31.74 14.38
N ASP B 189 -5.05 -30.42 14.29
CA ASP B 189 -6.12 -29.56 14.90
C ASP B 189 -7.08 -29.19 13.77
N ALA B 190 -8.26 -29.77 13.80
CA ALA B 190 -9.27 -29.57 12.77
C ALA B 190 -10.34 -28.51 13.13
N ARG B 191 -10.28 -28.04 14.38
CA ARG B 191 -11.29 -27.10 14.92
C ARG B 191 -10.95 -25.65 14.62
N ASN B 192 -11.07 -25.28 13.37
CA ASN B 192 -10.60 -23.98 12.84
C ASN B 192 -10.99 -23.89 11.41
N ASN B 193 -10.75 -22.73 10.82
CA ASN B 193 -11.26 -22.44 9.46
C ASN B 193 -10.88 -23.41 8.37
N VAL B 194 -9.62 -23.86 8.36
CA VAL B 194 -9.15 -24.79 7.37
C VAL B 194 -9.85 -26.20 7.52
N GLY B 195 -9.85 -26.73 8.70
CA GLY B 195 -10.57 -27.99 8.94
C GLY B 195 -12.04 -27.88 8.55
N ASN B 196 -12.67 -26.79 8.97
CA ASN B 196 -14.10 -26.59 8.70
C ASN B 196 -14.35 -26.59 7.21
N SER B 197 -13.53 -25.86 6.48
CA SER B 197 -13.71 -25.73 5.03
C SER B 197 -13.37 -27.00 4.26
N LEU B 198 -12.36 -27.74 4.74
CA LEU B 198 -12.06 -29.05 4.13
C LEU B 198 -13.20 -29.98 4.30
N MET B 199 -13.81 -29.97 5.48
CA MET B 199 -14.90 -30.89 5.73
C MET B 199 -16.10 -30.53 4.85
N VAL B 200 -16.43 -29.25 4.75
CA VAL B 200 -17.56 -28.82 3.91
C VAL B 200 -17.31 -29.16 2.47
N GLY B 201 -16.11 -28.83 2.01
CA GLY B 201 -15.70 -29.07 0.63
C GLY B 201 -15.79 -30.54 0.28
N ALA B 202 -15.26 -31.37 1.14
CA ALA B 202 -15.31 -32.82 0.92
C ALA B 202 -16.75 -33.32 0.84
N ALA B 203 -17.61 -32.89 1.77
CA ALA B 203 -19.01 -33.24 1.73
C ALA B 203 -19.64 -32.85 0.43
N LYS B 204 -19.42 -31.61 0.05
CA LYS B 204 -20.00 -31.10 -1.16
C LYS B 204 -19.59 -31.91 -2.35
N MET B 205 -18.31 -32.27 -2.38
CA MET B 205 -17.79 -32.90 -3.62
C MET B 205 -17.90 -34.44 -3.64
N GLY B 206 -18.42 -35.02 -2.56
CA GLY B 206 -18.65 -36.43 -2.49
C GLY B 206 -17.41 -37.22 -2.17
N MET B 207 -16.45 -36.56 -1.56
CA MET B 207 -15.16 -37.15 -1.20
C MET B 207 -15.20 -37.87 0.13
N ASP B 208 -14.17 -38.70 0.37
CA ASP B 208 -14.02 -39.42 1.62
C ASP B 208 -12.94 -38.74 2.45
N ILE B 209 -13.36 -38.00 3.48
CA ILE B 209 -12.42 -37.28 4.35
C ILE B 209 -12.36 -37.91 5.73
N ARG B 210 -11.15 -38.07 6.23
CA ARG B 210 -10.92 -38.45 7.60
C ARG B 210 -10.26 -37.30 8.36
N LEU B 211 -10.86 -36.93 9.47
CA LEU B 211 -10.28 -35.96 10.40
C LEU B 211 -9.65 -36.74 11.50
N VAL B 212 -8.32 -36.63 11.61
CA VAL B 212 -7.48 -37.52 12.40
C VAL B 212 -6.73 -36.62 13.40
N GLY B 213 -7.11 -36.73 14.65
CA GLY B 213 -6.59 -35.86 15.63
C GLY B 213 -7.33 -36.02 16.93
N PRO B 214 -6.88 -35.29 17.96
CA PRO B 214 -7.52 -35.46 19.25
C PRO B 214 -8.91 -34.94 19.22
N GLN B 215 -9.79 -35.68 19.89
CA GLN B 215 -11.22 -35.44 19.87
C GLN B 215 -11.57 -34.01 20.27
N ALA B 216 -10.81 -33.46 21.18
CA ALA B 216 -11.07 -32.08 21.62
C ALA B 216 -10.93 -31.09 20.48
N TYR B 217 -10.20 -31.50 19.44
CA TYR B 217 -9.90 -30.59 18.31
C TYR B 217 -10.54 -31.02 16.99
N TRP B 218 -11.56 -31.85 17.07
CA TRP B 218 -12.44 -32.10 15.93
C TRP B 218 -13.34 -30.87 15.67
N PRO B 219 -13.85 -30.73 14.43
CA PRO B 219 -14.69 -29.58 14.20
C PRO B 219 -15.94 -29.51 15.04
N ASP B 220 -16.49 -28.31 15.13
CA ASP B 220 -17.76 -28.03 15.74
C ASP B 220 -18.85 -29.05 15.40
N GLU B 221 -19.48 -29.61 16.44
CA GLU B 221 -20.46 -30.73 16.28
C GLU B 221 -21.62 -30.35 15.35
N GLU B 222 -22.09 -29.11 15.41
CA GLU B 222 -23.20 -28.64 14.55
C GLU B 222 -22.79 -28.64 13.09
N LEU B 223 -21.57 -28.18 12.82
CA LEU B 223 -21.12 -28.20 11.48
C LEU B 223 -20.95 -29.63 11.00
N VAL B 224 -20.40 -30.49 11.85
CA VAL B 224 -20.16 -31.90 11.44
C VAL B 224 -21.51 -32.47 11.02
N ALA B 225 -22.53 -32.16 11.80
CA ALA B 225 -23.85 -32.74 11.58
C ALA B 225 -24.37 -32.27 10.25
N ALA B 226 -24.19 -30.98 9.98
CA ALA B 226 -24.63 -30.41 8.69
C ALA B 226 -23.88 -31.05 7.53
N CYS B 227 -22.58 -31.24 7.68
CA CYS B 227 -21.78 -31.80 6.60
C CYS B 227 -22.13 -33.29 6.41
N GLN B 228 -22.48 -33.98 7.49
CA GLN B 228 -22.86 -35.40 7.35
C GLN B 228 -24.14 -35.50 6.51
N ALA B 229 -25.02 -34.53 6.69
CA ALA B 229 -26.27 -34.47 5.93
C ALA B 229 -25.99 -34.24 4.46
N ILE B 230 -25.05 -33.33 4.20
CA ILE B 230 -24.64 -33.05 2.83
C ILE B 230 -24.01 -34.29 2.20
N ALA B 231 -23.12 -34.92 2.95
CA ALA B 231 -22.36 -36.06 2.41
C ALA B 231 -23.28 -37.21 2.04
N LYS B 232 -24.35 -37.41 2.82
CA LYS B 232 -25.30 -38.47 2.55
C LYS B 232 -25.95 -38.23 1.18
N GLN B 233 -26.14 -36.99 0.77
CA GLN B 233 -26.74 -36.70 -0.57
C GLN B 233 -25.74 -36.76 -1.72
N THR B 234 -24.46 -36.56 -1.43
CA THR B 234 -23.45 -36.53 -2.49
C THR B 234 -22.64 -37.80 -2.61
N GLY B 235 -22.82 -38.77 -1.70
CA GLY B 235 -21.99 -39.99 -1.76
C GLY B 235 -20.67 -39.82 -1.06
N GLY B 236 -20.49 -38.72 -0.33
CA GLY B 236 -19.28 -38.53 0.49
C GLY B 236 -19.27 -39.29 1.80
N LYS B 237 -18.16 -39.18 2.50
CA LYS B 237 -17.97 -39.86 3.75
C LYS B 237 -17.12 -38.98 4.65
N ILE B 238 -17.49 -38.90 5.92
CA ILE B 238 -16.75 -38.11 6.91
C ILE B 238 -16.47 -39.02 8.07
N THR B 239 -15.23 -39.22 8.40
CA THR B 239 -14.83 -40.02 9.58
C THR B 239 -14.00 -39.16 10.50
N LEU B 240 -14.30 -39.22 11.78
CA LEU B 240 -13.52 -38.55 12.81
C LEU B 240 -12.90 -39.63 13.67
N THR B 241 -11.61 -39.59 13.83
CA THR B 241 -10.92 -40.63 14.54
C THR B 241 -9.65 -40.13 15.19
N GLU B 242 -9.28 -40.77 16.31
CA GLU B 242 -8.00 -40.49 16.96
C GLU B 242 -6.91 -41.48 16.51
N ASN B 243 -7.32 -42.47 15.75
CA ASN B 243 -6.45 -43.58 15.34
C ASN B 243 -5.79 -43.20 14.02
N VAL B 244 -4.50 -42.91 14.05
CA VAL B 244 -3.73 -42.59 12.81
C VAL B 244 -3.73 -43.71 11.75
N ALA B 245 -3.41 -44.94 12.15
CA ALA B 245 -3.37 -46.07 11.19
C ALA B 245 -4.68 -46.22 10.43
N GLU B 246 -5.77 -46.20 11.16
CA GLU B 246 -7.06 -46.34 10.56
C GLU B 246 -7.41 -45.16 9.72
N GLY B 247 -7.12 -43.97 10.24
CA GLY B 247 -7.42 -42.67 9.55
C GLY B 247 -6.73 -42.51 8.20
N VAL B 248 -5.51 -42.99 8.08
CA VAL B 248 -4.73 -42.70 6.82
C VAL B 248 -4.73 -43.86 5.83
N GLN B 249 -5.28 -44.99 6.25
CA GLN B 249 -5.19 -46.19 5.42
C GLN B 249 -5.89 -45.91 4.11
N GLY B 250 -5.18 -46.15 3.01
CA GLY B 250 -5.76 -45.97 1.64
C GLY B 250 -5.80 -44.54 1.09
N CYS B 251 -5.26 -43.57 1.83
CA CYS B 251 -5.45 -42.16 1.44
C CYS B 251 -4.59 -41.80 0.22
N ASP B 252 -5.18 -40.99 -0.64
CA ASP B 252 -4.51 -40.41 -1.81
C ASP B 252 -3.71 -39.18 -1.43
N PHE B 253 -4.15 -38.49 -0.41
CA PHE B 253 -3.51 -37.23 0.09
C PHE B 253 -3.57 -37.19 1.62
N LEU B 254 -2.55 -36.64 2.20
CA LEU B 254 -2.45 -36.34 3.59
C LEU B 254 -2.21 -34.85 3.72
N TYR B 255 -2.96 -34.23 4.62
CA TYR B 255 -2.95 -32.78 4.75
C TYR B 255 -2.74 -32.45 6.22
N THR B 256 -1.92 -31.43 6.51
CA THR B 256 -1.90 -30.93 7.87
C THR B 256 -1.68 -29.40 7.86
N ASP B 257 -1.63 -28.85 9.07
CA ASP B 257 -1.43 -27.40 9.29
C ASP B 257 -0.82 -27.28 10.67
N VAL B 258 -0.33 -26.09 10.98
CA VAL B 258 0.31 -25.85 12.27
CA VAL B 258 0.31 -25.83 12.26
C VAL B 258 -0.67 -26.10 13.39
N TRP B 259 -0.15 -26.63 14.48
CA TRP B 259 -0.98 -26.96 15.65
C TRP B 259 -1.45 -25.77 16.47
N VAL B 260 -0.85 -24.61 16.26
CA VAL B 260 -1.31 -23.34 16.83
C VAL B 260 -1.04 -22.25 15.78
N TRP B 269 2.33 -23.47 24.58
CA TRP B 269 2.20 -24.61 23.64
C TRP B 269 2.49 -25.95 24.26
N ASP B 270 2.87 -25.98 25.54
CA ASP B 270 3.31 -27.20 26.20
C ASP B 270 2.28 -28.32 26.09
N GLU B 271 1.04 -27.99 26.43
CA GLU B 271 -0.03 -28.99 26.44
C GLU B 271 -0.42 -29.41 25.02
N ARG B 272 -0.44 -28.45 24.11
CA ARG B 272 -0.86 -28.69 22.72
C ARG B 272 0.12 -29.57 21.99
N VAL B 273 1.39 -29.29 22.16
CA VAL B 273 2.38 -30.12 21.48
C VAL B 273 2.30 -31.59 21.87
N ALA B 274 2.22 -31.85 23.17
CA ALA B 274 2.19 -33.24 23.67
C ALA B 274 0.94 -33.96 23.13
N LEU B 275 -0.18 -33.27 23.18
CA LEU B 275 -1.41 -33.77 22.61
C LEU B 275 -1.32 -34.04 21.09
N MET B 276 -0.66 -33.13 20.35
CA MET B 276 -0.68 -33.20 18.89
C MET B 276 0.44 -34.01 18.27
N LYS B 277 1.52 -34.16 19.03
CA LYS B 277 2.69 -34.89 18.59
C LYS B 277 2.44 -36.25 17.89
N PRO B 278 1.56 -37.10 18.45
CA PRO B 278 1.26 -38.34 17.73
C PRO B 278 0.71 -38.19 16.29
N TYR B 279 0.24 -36.99 15.92
CA TYR B 279 -0.37 -36.72 14.61
C TYR B 279 0.57 -36.00 13.63
N GLN B 280 1.83 -35.90 14.02
CA GLN B 280 2.86 -35.42 13.11
C GLN B 280 2.88 -36.25 11.82
N VAL B 281 2.90 -35.59 10.68
CA VAL B 281 3.11 -36.27 9.40
C VAL B 281 4.62 -36.50 9.20
N ASN B 282 5.04 -37.74 9.33
CA ASN B 282 6.41 -38.15 9.06
C ASN B 282 6.38 -39.31 8.03
N MET B 283 7.55 -39.79 7.66
CA MET B 283 7.60 -40.81 6.61
C MET B 283 6.84 -42.08 6.99
N ASN B 284 6.82 -42.40 8.27
CA ASN B 284 6.11 -43.60 8.73
C ASN B 284 4.59 -43.49 8.44
N VAL B 285 4.05 -42.28 8.65
CA VAL B 285 2.67 -42.02 8.39
C VAL B 285 2.37 -42.20 6.93
N LEU B 286 3.20 -41.64 6.07
CA LEU B 286 3.05 -41.95 4.60
C LEU B 286 3.01 -43.47 4.30
N LYS B 287 3.89 -44.22 4.92
CA LYS B 287 3.96 -45.68 4.73
C LYS B 287 2.67 -46.36 5.21
N GLN B 288 2.11 -45.85 6.30
CA GLN B 288 0.87 -46.39 6.83
C GLN B 288 -0.35 -46.24 5.90
N THR B 289 -0.27 -45.35 4.91
CA THR B 289 -1.35 -45.24 3.94
C THR B 289 -1.40 -46.49 3.08
N GLY B 290 -0.27 -47.16 2.91
CA GLY B 290 -0.19 -48.30 2.00
C GLY B 290 -0.16 -47.86 0.53
N ASN B 291 -0.03 -46.56 0.29
CA ASN B 291 -0.14 -46.01 -1.06
C ASN B 291 1.14 -45.36 -1.54
N PRO B 292 1.86 -46.01 -2.49
CA PRO B 292 3.13 -45.42 -2.94
C PRO B 292 3.01 -44.10 -3.64
N ASN B 293 1.80 -43.75 -4.03
CA ASN B 293 1.51 -42.50 -4.73
C ASN B 293 0.89 -41.41 -3.86
N VAL B 294 0.88 -41.63 -2.54
CA VAL B 294 0.34 -40.65 -1.64
C VAL B 294 1.07 -39.33 -1.82
N LYS B 295 0.30 -38.25 -1.77
CA LYS B 295 0.88 -36.91 -1.80
C LYS B 295 0.57 -36.15 -0.52
N PHE B 296 1.49 -35.25 -0.19
CA PHE B 296 1.40 -34.47 1.04
C PHE B 296 1.11 -32.97 0.73
N MET B 297 0.15 -32.42 1.49
CA MET B 297 -0.36 -31.09 1.32
C MET B 297 -0.36 -30.34 2.67
N HIS B 298 -0.18 -29.01 2.60
CA HIS B 298 -0.13 -28.16 3.79
C HIS B 298 -0.47 -26.75 3.28
N CYS B 299 -1.40 -26.06 3.97
CA CYS B 299 -1.86 -24.73 3.51
C CYS B 299 -0.75 -23.65 3.68
N LEU B 300 0.23 -23.91 4.53
CA LEU B 300 1.42 -23.04 4.80
C LEU B 300 0.97 -21.80 5.56
N PRO B 301 1.90 -21.17 6.26
CA PRO B 301 3.31 -21.60 6.49
C PRO B 301 3.41 -22.83 7.39
N ALA B 302 4.50 -23.58 7.23
CA ALA B 302 4.73 -24.81 7.93
C ALA B 302 5.93 -24.70 8.83
N PHE B 303 5.85 -25.40 9.96
CA PHE B 303 7.04 -25.56 10.82
C PHE B 303 7.63 -26.93 10.58
N HIS B 304 8.60 -27.04 9.66
CA HIS B 304 9.15 -28.33 9.32
C HIS B 304 10.63 -28.49 9.60
N ASN B 305 11.25 -27.47 10.16
CA ASN B 305 12.66 -27.56 10.50
C ASN B 305 13.02 -26.45 11.49
N ASP B 306 14.31 -26.18 11.67
CA ASP B 306 14.79 -25.14 12.61
C ASP B 306 15.14 -23.84 11.92
N GLU B 307 14.63 -23.60 10.71
CA GLU B 307 14.97 -22.37 9.95
C GLU B 307 13.94 -21.22 10.12
N THR B 308 13.13 -21.31 11.16
CA THR B 308 12.33 -20.18 11.61
C THR B 308 12.62 -19.96 13.10
N THR B 309 12.46 -18.73 13.57
CA THR B 309 12.64 -18.40 14.98
C THR B 309 11.73 -19.24 15.85
N ILE B 310 10.46 -19.23 15.51
CA ILE B 310 9.45 -19.92 16.31
C ILE B 310 9.58 -21.43 16.24
N GLY B 311 9.79 -21.96 15.03
CA GLY B 311 9.85 -23.40 14.86
C GLY B 311 11.07 -23.96 15.59
N LYS B 312 12.16 -23.24 15.56
CA LYS B 312 13.36 -23.66 16.34
C LYS B 312 13.11 -23.60 17.86
N GLN B 313 12.51 -22.51 18.33
CA GLN B 313 12.22 -22.34 19.75
C GLN B 313 11.41 -23.50 20.25
N VAL B 314 10.37 -23.86 19.50
CA VAL B 314 9.42 -24.90 20.00
C VAL B 314 10.05 -26.24 19.91
N ALA B 315 10.62 -26.53 18.78
CA ALA B 315 11.15 -27.87 18.52
C ALA B 315 12.27 -28.18 19.51
N ASP B 316 13.13 -27.20 19.77
CA ASP B 316 14.19 -27.34 20.79
C ASP B 316 13.70 -27.58 22.22
N LYS B 317 12.77 -26.77 22.67
CA LYS B 317 12.10 -27.01 23.91
C LYS B 317 11.51 -28.45 24.05
N PHE B 318 11.06 -29.04 22.94
CA PHE B 318 10.35 -30.33 22.88
C PHE B 318 11.14 -31.47 22.25
N GLY B 319 12.41 -31.24 21.99
CA GLY B 319 13.30 -32.28 21.46
C GLY B 319 12.85 -32.80 20.10
N MET B 320 12.23 -31.93 19.31
CA MET B 320 11.72 -32.25 17.96
C MET B 320 12.55 -31.63 16.87
N LYS B 321 12.37 -32.13 15.67
CA LYS B 321 12.95 -31.55 14.48
C LYS B 321 11.74 -31.43 13.57
N GLY B 322 11.14 -30.27 13.52
CA GLY B 322 9.88 -30.13 12.76
C GLY B 322 8.68 -30.47 13.64
N LEU B 323 7.56 -29.83 13.41
CA LEU B 323 6.43 -30.01 14.29
C LEU B 323 5.34 -30.86 13.60
N GLU B 324 4.39 -30.20 12.94
CA GLU B 324 3.31 -30.94 12.26
C GLU B 324 3.75 -31.80 11.10
N VAL B 325 4.91 -31.48 10.50
CA VAL B 325 5.50 -32.27 9.43
C VAL B 325 7.01 -32.24 9.53
N THR B 326 7.65 -33.33 9.13
CA THR B 326 9.12 -33.43 9.10
C THR B 326 9.69 -32.86 7.81
N GLU B 327 10.92 -32.35 7.87
CA GLU B 327 11.61 -31.87 6.70
C GLU B 327 11.64 -32.91 5.58
N GLU B 328 11.93 -34.15 5.98
CA GLU B 328 11.99 -35.19 5.01
C GLU B 328 10.72 -35.31 4.15
N VAL B 329 9.59 -35.28 4.80
CA VAL B 329 8.30 -35.35 4.11
C VAL B 329 8.05 -34.06 3.33
N PHE B 330 8.30 -32.92 3.99
CA PHE B 330 7.98 -31.62 3.38
C PHE B 330 8.70 -31.37 2.05
N GLU B 331 9.91 -31.89 1.95
CA GLU B 331 10.78 -31.67 0.77
C GLU B 331 10.80 -32.88 -0.16
N SER B 332 10.05 -33.92 0.15
CA SER B 332 10.15 -35.14 -0.69
C SER B 332 9.41 -34.94 -1.99
N GLU B 333 9.61 -35.85 -2.92
CA GLU B 333 8.85 -35.83 -4.12
C GLU B 333 7.31 -36.02 -3.87
N HIS B 334 6.90 -36.53 -2.70
CA HIS B 334 5.46 -36.68 -2.37
C HIS B 334 4.79 -35.33 -2.06
N SER B 335 5.63 -34.36 -1.78
CA SER B 335 5.15 -33.06 -1.30
C SER B 335 4.75 -32.20 -2.45
N ILE B 336 3.52 -31.72 -2.43
CA ILE B 336 2.99 -30.85 -3.48
C ILE B 336 2.59 -29.42 -2.98
N VAL B 337 3.22 -29.02 -1.87
CA VAL B 337 2.86 -27.83 -1.18
C VAL B 337 3.09 -26.57 -2.00
N PHE B 338 4.09 -26.57 -2.88
CA PHE B 338 4.33 -25.31 -3.65
C PHE B 338 3.45 -25.20 -4.88
N ASP B 339 3.02 -26.36 -5.41
CA ASP B 339 1.95 -26.35 -6.39
C ASP B 339 0.63 -25.87 -5.75
N GLU B 340 0.36 -26.32 -4.54
CA GLU B 340 -0.81 -25.89 -3.78
C GLU B 340 -0.83 -24.40 -3.52
N ALA B 341 0.34 -23.90 -3.12
CA ALA B 341 0.51 -22.48 -2.95
C ALA B 341 0.29 -21.62 -4.20
N GLU B 342 0.92 -22.01 -5.31
CA GLU B 342 0.68 -21.36 -6.59
C GLU B 342 -0.81 -21.37 -6.94
N ASN B 343 -1.52 -22.48 -6.66
CA ASN B 343 -2.90 -22.61 -7.08
C ASN B 343 -3.84 -21.69 -6.29
N ARG B 344 -3.35 -21.08 -5.20
CA ARG B 344 -4.10 -20.04 -4.53
C ARG B 344 -4.49 -18.99 -5.53
N MET B 345 -3.54 -18.60 -6.34
CA MET B 345 -3.72 -17.51 -7.28
C MET B 345 -4.71 -17.89 -8.40
N HIS B 346 -4.52 -19.08 -9.00
CA HIS B 346 -5.38 -19.47 -10.09
C HIS B 346 -6.87 -19.60 -9.68
N THR B 347 -7.10 -20.11 -8.50
CA THR B 347 -8.44 -20.29 -8.01
C THR B 347 -9.13 -19.00 -7.53
N ILE B 348 -8.36 -18.11 -6.90
CA ILE B 348 -8.86 -16.77 -6.62
C ILE B 348 -9.18 -16.05 -7.91
N LYS B 349 -8.35 -16.26 -8.95
CA LYS B 349 -8.59 -15.64 -10.25
C LYS B 349 -9.96 -16.14 -10.81
N ALA B 350 -10.19 -17.43 -10.70
CA ALA B 350 -11.45 -18.02 -11.14
C ALA B 350 -12.67 -17.44 -10.40
N VAL B 351 -12.56 -17.31 -9.08
CA VAL B 351 -13.62 -16.68 -8.29
C VAL B 351 -13.94 -15.29 -8.83
N MET B 352 -12.93 -14.47 -9.08
CA MET B 352 -13.17 -13.10 -9.51
C MET B 352 -13.76 -13.09 -10.92
N VAL B 353 -13.23 -13.95 -11.78
CA VAL B 353 -13.67 -14.01 -13.22
C VAL B 353 -15.10 -14.48 -13.33
N ALA B 354 -15.41 -15.49 -12.54
CA ALA B 354 -16.75 -16.06 -12.58
C ALA B 354 -17.78 -15.06 -12.07
N THR B 355 -17.43 -14.32 -11.02
CA THR B 355 -18.42 -13.45 -10.37
C THR B 355 -18.47 -12.07 -10.97
N LEU B 356 -17.34 -11.62 -11.52
CA LEU B 356 -17.20 -10.24 -11.99
C LEU B 356 -16.76 -10.10 -13.43
N GLY B 357 -16.32 -11.21 -14.03
CA GLY B 357 -15.75 -11.14 -15.37
C GLY B 357 -16.80 -10.90 -16.46
N SER B 358 -16.36 -10.32 -17.56
CA SER B 358 -17.23 -10.24 -18.75
C SER B 358 -16.38 -10.42 -20.00
N PHE C 27 25.62 -9.33 -25.19
CA PHE C 27 25.95 -8.70 -23.88
C PHE C 27 24.68 -8.44 -23.05
N ASN C 28 24.49 -9.26 -22.04
CA ASN C 28 23.30 -9.14 -21.26
C ASN C 28 23.30 -9.84 -19.88
N LEU C 29 22.35 -9.36 -19.10
CA LEU C 29 22.22 -9.68 -17.73
C LEU C 29 20.87 -10.27 -17.58
N ARG C 30 20.29 -10.76 -18.68
CA ARG C 30 18.98 -11.28 -18.59
C ARG C 30 18.97 -12.41 -17.60
N ASN C 31 17.99 -12.40 -16.73
CA ASN C 31 17.76 -13.42 -15.72
C ASN C 31 18.68 -13.32 -14.47
N ARG C 32 19.59 -12.37 -14.45
CA ARG C 32 20.46 -12.22 -13.28
C ARG C 32 19.73 -11.52 -12.09
N ASN C 33 20.20 -11.80 -10.88
CA ASN C 33 19.86 -11.03 -9.67
C ASN C 33 20.71 -9.75 -9.67
N PHE C 34 20.36 -8.77 -8.84
CA PHE C 34 21.23 -7.60 -8.61
C PHE C 34 21.39 -7.43 -7.10
N LEU C 35 22.30 -8.21 -6.53
CA LEU C 35 22.45 -8.27 -5.08
C LEU C 35 23.49 -7.40 -4.49
N LYS C 36 24.54 -7.12 -5.27
CA LYS C 36 25.68 -6.33 -4.78
C LYS C 36 26.62 -6.10 -5.97
N LEU C 37 27.25 -4.93 -6.00
CA LEU C 37 28.15 -4.60 -7.11
C LEU C 37 29.35 -5.57 -7.26
N LEU C 38 29.74 -6.22 -6.18
CA LEU C 38 30.82 -7.22 -6.23
C LEU C 38 30.53 -8.31 -7.27
N ASP C 39 29.27 -8.51 -7.61
CA ASP C 39 28.87 -9.60 -8.48
C ASP C 39 28.99 -9.24 -9.95
N PHE C 40 29.45 -8.01 -10.25
CA PHE C 40 29.41 -7.53 -11.61
C PHE C 40 30.79 -7.04 -12.02
N SER C 41 31.04 -7.14 -13.32
CA SER C 41 32.28 -6.68 -13.96
C SER C 41 32.17 -5.18 -14.24
N THR C 42 33.31 -4.55 -14.52
CA THR C 42 33.36 -3.17 -14.86
C THR C 42 32.43 -2.87 -16.05
N LYS C 43 32.51 -3.69 -17.10
CA LYS C 43 31.68 -3.45 -18.31
C LYS C 43 30.20 -3.64 -18.07
N GLU C 44 29.86 -4.58 -17.16
CA GLU C 44 28.45 -4.84 -16.83
C GLU C 44 27.83 -3.65 -16.09
N ILE C 45 28.63 -3.08 -15.17
CA ILE C 45 28.20 -1.85 -14.44
C ILE C 45 28.04 -0.70 -15.41
N GLN C 46 29.01 -0.53 -16.30
CA GLN C 46 28.93 0.54 -17.28
C GLN C 46 27.74 0.40 -18.16
N PHE C 47 27.48 -0.83 -18.56
CA PHE C 47 26.29 -1.14 -19.39
C PHE C 47 25.01 -0.69 -18.67
N LEU C 48 24.95 -1.00 -17.40
CA LEU C 48 23.72 -0.63 -16.60
C LEU C 48 23.59 0.89 -16.56
N ILE C 49 24.71 1.59 -16.35
CA ILE C 49 24.69 3.03 -16.30
C ILE C 49 24.30 3.62 -17.63
N ASP C 50 24.82 3.04 -18.73
CA ASP C 50 24.49 3.53 -20.10
C ASP C 50 23.01 3.32 -20.42
N LEU C 51 22.50 2.16 -20.03
CA LEU C 51 21.07 1.85 -20.19
C LEU C 51 20.19 2.84 -19.38
N SER C 52 20.66 3.19 -18.14
CA SER C 52 19.97 4.20 -17.31
C SER C 52 19.88 5.50 -18.01
N ALA C 53 21.01 5.91 -18.61
CA ALA C 53 21.02 7.13 -19.40
C ALA C 53 20.07 7.11 -20.59
N ASP C 54 20.07 6.01 -21.30
CA ASP C 54 19.20 5.86 -22.43
C ASP C 54 17.70 5.89 -22.05
N LEU C 55 17.34 5.16 -20.98
CA LEU C 55 16.00 5.17 -20.44
C LEU C 55 15.57 6.55 -19.97
N LYS C 56 16.49 7.29 -19.37
CA LYS C 56 16.21 8.63 -18.90
C LYS C 56 15.86 9.55 -20.09
N LYS C 57 16.72 9.51 -21.13
CA LYS C 57 16.51 10.27 -22.35
C LYS C 57 15.18 9.89 -22.99
N ALA C 58 14.89 8.60 -23.03
CA ALA C 58 13.65 8.14 -23.68
C ALA C 58 12.42 8.63 -22.95
N LYS C 59 12.46 8.60 -21.63
CA LYS C 59 11.29 9.10 -20.87
C LYS C 59 11.10 10.60 -21.17
N TYR C 60 12.16 11.38 -21.10
CA TYR C 60 12.08 12.84 -21.32
C TYR C 60 11.58 13.11 -22.74
N ALA C 61 12.00 12.28 -23.70
CA ALA C 61 11.61 12.42 -25.12
C ALA C 61 10.25 11.83 -25.47
N GLY C 62 9.64 11.10 -24.56
CA GLY C 62 8.36 10.43 -24.83
C GLY C 62 8.46 9.26 -25.78
N THR C 63 9.65 8.62 -25.89
CA THR C 63 9.89 7.50 -26.76
C THR C 63 10.14 6.16 -25.99
N GLU C 64 9.80 6.09 -24.72
CA GLU C 64 10.12 4.91 -23.92
C GLU C 64 9.40 3.69 -24.41
N GLN C 65 10.10 2.57 -24.59
CA GLN C 65 9.44 1.33 -24.95
C GLN C 65 9.26 0.40 -23.76
N LYS C 66 8.06 -0.11 -23.54
CA LYS C 66 7.78 -0.88 -22.32
C LYS C 66 8.27 -2.31 -22.42
N LYS C 67 9.28 -2.66 -21.66
CA LYS C 67 9.82 -3.95 -21.70
C LYS C 67 9.34 -4.85 -20.56
N LEU C 68 8.52 -4.36 -19.61
CA LEU C 68 8.03 -5.17 -18.49
C LEU C 68 6.53 -5.33 -18.57
N LEU C 69 5.99 -5.20 -19.77
CA LEU C 69 4.56 -5.25 -19.96
C LEU C 69 4.01 -6.56 -19.49
N GLY C 70 3.01 -6.50 -18.62
CA GLY C 70 2.41 -7.71 -18.08
C GLY C 70 3.13 -8.40 -16.89
N LYS C 71 4.27 -7.90 -16.48
CA LYS C 71 5.08 -8.51 -15.43
C LYS C 71 4.53 -7.93 -14.09
N ASN C 72 4.58 -8.78 -13.05
CA ASN C 72 4.17 -8.47 -11.72
C ASN C 72 5.33 -8.58 -10.79
N ILE C 73 5.50 -7.53 -9.99
CA ILE C 73 6.72 -7.45 -9.16
C ILE C 73 6.35 -7.26 -7.70
N ALA C 74 7.04 -7.96 -6.83
CA ALA C 74 6.85 -7.83 -5.42
C ALA C 74 7.94 -7.02 -4.78
N LEU C 75 7.52 -6.04 -3.99
CA LEU C 75 8.45 -5.14 -3.32
C LEU C 75 8.41 -5.41 -1.79
N ILE C 76 9.40 -6.13 -1.27
CA ILE C 76 9.43 -6.47 0.11
C ILE C 76 10.32 -5.46 0.81
N PHE C 77 9.74 -4.68 1.71
CA PHE C 77 10.49 -3.75 2.50
C PHE C 77 10.36 -4.15 3.97
N GLU C 78 11.36 -4.85 4.47
CA GLU C 78 11.51 -5.13 5.89
C GLU C 78 11.92 -3.91 6.71
N LYS C 79 12.53 -2.93 6.06
CA LYS C 79 12.86 -1.67 6.67
C LYS C 79 12.30 -0.64 5.69
C LYS C 79 12.27 -0.62 5.68
N ALA C 80 11.66 0.39 6.20
N ALA C 80 11.73 0.46 6.20
CA ALA C 80 11.07 1.41 5.35
CA ALA C 80 11.08 1.49 5.40
C ALA C 80 12.10 2.19 4.55
C ALA C 80 12.02 2.34 4.55
N SER C 81 11.78 2.54 3.34
N SER C 81 11.43 3.01 3.57
CA SER C 81 12.46 3.60 2.67
CA SER C 81 12.08 3.68 2.42
C SER C 81 11.53 4.07 1.57
C SER C 81 11.20 4.81 1.81
N THR C 82 10.86 5.22 1.80
N THR C 82 11.85 5.79 1.14
CA THR C 82 9.87 5.79 0.88
CA THR C 82 11.17 6.82 0.33
C THR C 82 10.63 6.07 -0.42
C THR C 82 11.69 6.88 -1.11
N ARG C 83 11.84 6.59 -0.32
N ARG C 83 12.98 7.20 -1.32
CA ARG C 83 12.71 6.89 -1.47
CA ARG C 83 13.50 7.24 -2.66
C ARG C 83 12.93 5.73 -2.43
C ARG C 83 13.42 5.87 -3.34
N THR C 84 13.41 4.60 -1.90
N THR C 84 13.77 4.84 -2.57
CA THR C 84 13.73 3.43 -2.78
CA THR C 84 13.76 3.44 -3.02
C THR C 84 12.46 2.83 -3.31
C THR C 84 12.41 2.83 -3.38
N ARG C 85 11.45 2.77 -2.44
CA ARG C 85 10.13 2.29 -2.77
C ARG C 85 9.55 3.05 -3.99
N CYS C 86 9.53 4.37 -3.90
CA CYS C 86 8.98 5.19 -5.00
C CYS C 86 9.74 5.00 -6.32
N ALA C 87 11.07 4.92 -6.25
CA ALA C 87 11.84 4.64 -7.45
C ALA C 87 11.52 3.28 -8.11
N PHE C 88 11.41 2.22 -7.33
CA PHE C 88 10.93 0.94 -7.90
C PHE C 88 9.54 1.05 -8.46
N GLU C 89 8.61 1.67 -7.74
CA GLU C 89 7.26 1.75 -8.24
C GLU C 89 7.14 2.50 -9.58
N VAL C 90 7.72 3.72 -9.62
CA VAL C 90 7.62 4.52 -10.79
C VAL C 90 8.30 3.82 -11.98
N ALA C 91 9.47 3.22 -11.73
CA ALA C 91 10.19 2.57 -12.82
C ALA C 91 9.36 1.40 -13.37
N ALA C 92 8.75 0.62 -12.46
CA ALA C 92 7.90 -0.54 -12.86
C ALA C 92 6.72 -0.04 -13.66
N PHE C 93 6.02 0.95 -13.12
CA PHE C 93 4.88 1.55 -13.79
C PHE C 93 5.19 2.09 -15.20
N ASP C 94 6.29 2.82 -15.35
CA ASP C 94 6.70 3.35 -16.67
C ASP C 94 6.97 2.20 -17.67
N GLN C 95 7.37 1.06 -17.17
CA GLN C 95 7.78 -0.03 -18.05
C GLN C 95 6.66 -1.04 -18.31
N GLY C 96 5.50 -0.76 -17.77
CA GLY C 96 4.25 -1.56 -17.96
C GLY C 96 3.97 -2.64 -16.94
N ALA C 97 4.78 -2.69 -15.88
CA ALA C 97 4.62 -3.69 -14.84
C ALA C 97 3.64 -3.23 -13.74
N GLN C 98 3.16 -4.18 -12.96
CA GLN C 98 2.32 -3.92 -11.78
C GLN C 98 3.12 -4.38 -10.55
N VAL C 99 2.87 -3.73 -9.41
CA VAL C 99 3.61 -3.93 -8.17
C VAL C 99 2.74 -4.21 -6.96
N THR C 100 3.23 -5.06 -6.08
CA THR C 100 2.69 -5.31 -4.76
C THR C 100 3.72 -4.88 -3.71
N TYR C 101 3.38 -3.87 -2.94
CA TYR C 101 4.27 -3.33 -1.85
C TYR C 101 3.91 -4.02 -0.54
N ILE C 102 4.88 -4.73 0.03
CA ILE C 102 4.80 -5.39 1.28
C ILE C 102 5.72 -4.68 2.25
N GLY C 103 5.13 -3.89 3.12
CA GLY C 103 5.92 -3.01 4.05
C GLY C 103 6.32 -3.70 5.34
N PRO C 104 7.00 -2.99 6.20
CA PRO C 104 7.62 -3.54 7.44
C PRO C 104 6.50 -4.02 8.42
N SER C 105 6.72 -5.10 9.13
CA SER C 105 5.77 -5.45 10.22
C SER C 105 6.53 -6.11 11.41
N GLY C 106 5.79 -6.56 12.42
CA GLY C 106 6.35 -7.31 13.57
C GLY C 106 6.85 -8.71 13.24
N SER C 107 6.26 -9.28 12.19
CA SER C 107 6.58 -10.61 11.71
C SER C 107 7.42 -10.59 10.42
N GLN C 108 8.73 -10.72 10.60
CA GLN C 108 9.73 -10.65 9.53
C GLN C 108 9.95 -12.00 8.89
N ILE C 109 10.57 -11.98 7.74
CA ILE C 109 10.80 -13.21 7.02
C ILE C 109 11.76 -14.06 7.86
N GLY C 110 11.40 -15.30 8.10
CA GLY C 110 12.22 -16.14 8.96
C GLY C 110 11.67 -16.31 10.37
N ASP C 111 10.69 -15.51 10.76
CA ASP C 111 10.05 -15.68 12.08
C ASP C 111 9.08 -16.88 12.08
N LYS C 112 8.12 -16.86 11.18
CA LYS C 112 7.08 -17.86 11.08
C LYS C 112 7.22 -18.77 9.84
N GLU C 113 7.92 -18.29 8.86
CA GLU C 113 8.12 -19.07 7.63
C GLU C 113 9.57 -18.91 7.16
N SER C 114 10.20 -19.99 6.74
CA SER C 114 11.58 -19.89 6.34
C SER C 114 11.71 -19.00 5.12
N MET C 115 12.89 -18.40 4.92
CA MET C 115 13.09 -17.63 3.69
C MET C 115 13.03 -18.54 2.48
N LYS C 116 13.48 -19.76 2.65
CA LYS C 116 13.47 -20.71 1.54
C LYS C 116 12.04 -21.00 1.05
N ASP C 117 11.12 -21.14 2.00
CA ASP C 117 9.71 -21.33 1.66
C ASP C 117 9.11 -20.08 1.09
N THR C 118 9.37 -18.92 1.73
CA THR C 118 8.84 -17.66 1.22
C THR C 118 9.31 -17.38 -0.19
N ALA C 119 10.63 -17.55 -0.42
CA ALA C 119 11.19 -17.29 -1.78
C ALA C 119 10.46 -18.12 -2.86
N ARG C 120 10.27 -19.40 -2.54
CA ARG C 120 9.66 -20.34 -3.50
C ARG C 120 8.24 -19.97 -3.78
N VAL C 121 7.49 -19.56 -2.74
CA VAL C 121 6.11 -19.14 -2.99
C VAL C 121 6.06 -17.86 -3.81
N LEU C 122 6.86 -16.85 -3.44
CA LEU C 122 6.77 -15.58 -4.14
C LEU C 122 7.22 -15.70 -5.58
N GLY C 123 8.22 -16.54 -5.76
CA GLY C 123 8.78 -16.84 -7.08
C GLY C 123 7.78 -17.53 -8.01
N ARG C 124 6.81 -18.24 -7.45
CA ARG C 124 5.74 -18.79 -8.29
C ARG C 124 4.71 -17.77 -8.69
N MET C 125 4.53 -16.75 -7.87
CA MET C 125 3.47 -15.77 -8.16
C MET C 125 3.93 -14.54 -8.92
N TYR C 126 5.18 -14.11 -8.69
CA TYR C 126 5.72 -12.92 -9.23
C TYR C 126 6.80 -13.13 -10.26
N ASP C 127 7.06 -12.12 -11.04
CA ASP C 127 8.11 -12.17 -12.09
C ASP C 127 9.46 -11.65 -11.67
N GLY C 128 9.44 -10.86 -10.59
CA GLY C 128 10.66 -10.26 -10.03
C GLY C 128 10.41 -9.81 -8.63
N ILE C 129 11.48 -9.70 -7.82
CA ILE C 129 11.27 -9.38 -6.41
C ILE C 129 12.34 -8.43 -5.95
N GLN C 130 11.91 -7.33 -5.37
CA GLN C 130 12.89 -6.41 -4.64
C GLN C 130 12.85 -6.76 -3.17
N TYR C 131 14.00 -6.71 -2.52
CA TYR C 131 14.11 -6.87 -1.08
C TYR C 131 14.93 -5.75 -0.45
N ARG C 132 14.39 -5.11 0.57
CA ARG C 132 15.16 -4.17 1.43
C ARG C 132 15.02 -4.64 2.84
N GLY C 133 16.15 -4.75 3.54
CA GLY C 133 16.09 -5.37 4.84
C GLY C 133 17.37 -5.44 5.57
N PHE C 134 17.62 -6.60 6.12
CA PHE C 134 18.70 -6.75 7.12
C PHE C 134 19.98 -7.32 6.47
N GLY C 135 20.47 -8.47 6.93
CA GLY C 135 21.73 -8.95 6.42
C GLY C 135 21.72 -9.33 4.96
N GLN C 136 22.85 -9.15 4.33
CA GLN C 136 23.04 -9.60 2.94
C GLN C 136 22.70 -11.13 2.79
N ALA C 137 23.00 -11.93 3.80
CA ALA C 137 22.69 -13.34 3.72
C ALA C 137 21.23 -13.65 3.37
N ILE C 138 20.32 -12.80 3.84
CA ILE C 138 18.92 -12.98 3.62
C ILE C 138 18.58 -12.78 2.16
N VAL C 139 19.08 -11.68 1.60
CA VAL C 139 18.81 -11.42 0.22
C VAL C 139 19.51 -12.42 -0.70
N GLU C 140 20.65 -12.94 -0.28
CA GLU C 140 21.33 -13.96 -1.09
C GLU C 140 20.55 -15.26 -1.11
N GLU C 141 19.96 -15.60 0.01
CA GLU C 141 19.10 -16.75 0.06
C GLU C 141 17.87 -16.58 -0.78
N LEU C 142 17.26 -15.41 -0.72
CA LEU C 142 16.12 -15.16 -1.56
C LEU C 142 16.54 -15.30 -3.05
N GLY C 143 17.66 -14.71 -3.38
CA GLY C 143 18.22 -14.78 -4.73
C GLY C 143 18.49 -16.22 -5.25
N ALA C 144 18.83 -17.09 -4.32
CA ALA C 144 19.18 -18.48 -4.63
C ALA C 144 17.91 -19.34 -4.84
N PHE C 145 16.80 -18.99 -4.20
CA PHE C 145 15.64 -19.83 -4.16
C PHE C 145 14.43 -19.36 -4.91
N ALA C 146 14.35 -18.08 -5.19
CA ALA C 146 13.12 -17.53 -5.74
C ALA C 146 12.85 -18.03 -7.17
N GLY C 147 13.89 -18.20 -7.97
CA GLY C 147 13.71 -18.61 -9.38
C GLY C 147 13.40 -17.49 -10.34
N VAL C 148 13.37 -16.23 -9.87
CA VAL C 148 13.14 -15.06 -10.69
C VAL C 148 14.22 -14.03 -10.25
N PRO C 149 14.39 -12.92 -10.97
CA PRO C 149 15.37 -11.95 -10.50
C PRO C 149 15.02 -11.30 -9.18
N VAL C 150 16.02 -11.17 -8.33
CA VAL C 150 15.92 -10.58 -7.02
C VAL C 150 16.88 -9.36 -7.01
N TRP C 151 16.35 -8.21 -6.58
CA TRP C 151 17.09 -6.92 -6.53
C TRP C 151 17.16 -6.37 -5.11
N ASN C 152 18.38 -6.10 -4.68
CA ASN C 152 18.69 -5.57 -3.34
C ASN C 152 18.51 -4.06 -3.21
N GLY C 153 17.43 -3.62 -2.54
CA GLY C 153 17.11 -2.22 -2.30
C GLY C 153 17.77 -1.59 -1.07
N LEU C 154 18.60 -2.40 -0.39
CA LEU C 154 19.47 -2.07 0.73
C LEU C 154 19.49 -3.19 1.72
N THR C 155 20.69 -3.60 2.08
CA THR C 155 20.95 -4.46 3.21
C THR C 155 21.92 -3.77 4.15
N ASP C 156 22.16 -4.40 5.30
CA ASP C 156 23.20 -3.85 6.26
C ASP C 156 24.56 -3.62 5.58
N GLU C 157 24.94 -4.53 4.67
CA GLU C 157 26.25 -4.46 4.04
C GLU C 157 26.37 -3.55 2.82
N PHE C 158 25.34 -3.55 1.97
CA PHE C 158 25.47 -2.97 0.63
C PHE C 158 24.17 -2.23 0.22
N HIS C 159 24.36 -1.15 -0.52
CA HIS C 159 23.26 -0.40 -1.15
C HIS C 159 23.58 -0.14 -2.63
N PRO C 160 23.48 -1.20 -3.46
CA PRO C 160 23.98 -1.06 -4.77
C PRO C 160 23.24 -0.12 -5.70
N THR C 161 21.90 -0.06 -5.57
CA THR C 161 21.12 0.79 -6.47
C THR C 161 21.48 2.28 -6.25
N GLN C 162 21.77 2.65 -5.04
CA GLN C 162 22.14 4.03 -4.69
C GLN C 162 23.39 4.42 -5.48
N ILE C 163 24.37 3.49 -5.48
CA ILE C 163 25.68 3.80 -6.12
C ILE C 163 25.56 3.89 -7.63
N LEU C 164 24.68 3.07 -8.24
CA LEU C 164 24.45 3.26 -9.66
C LEU C 164 23.91 4.66 -9.96
N ALA C 165 22.94 5.11 -9.14
CA ALA C 165 22.41 6.48 -9.28
C ALA C 165 23.50 7.51 -9.13
N ASP C 166 24.32 7.37 -8.10
CA ASP C 166 25.40 8.29 -7.89
C ASP C 166 26.38 8.35 -9.08
N PHE C 167 26.72 7.21 -9.63
CA PHE C 167 27.65 7.20 -10.76
C PHE C 167 27.03 7.80 -12.07
N LEU C 168 25.76 7.54 -12.35
CA LEU C 168 25.10 8.22 -13.43
C LEU C 168 25.15 9.72 -13.23
N THR C 169 24.85 10.17 -11.99
CA THR C 169 24.85 11.61 -11.69
C THR C 169 26.24 12.20 -11.89
N MET C 170 27.26 11.51 -11.41
CA MET C 170 28.65 11.98 -11.64
C MET C 170 28.96 12.14 -13.11
N LEU C 171 28.55 11.15 -13.92
CA LEU C 171 28.82 11.22 -15.36
C LEU C 171 28.13 12.39 -15.98
N GLU C 172 26.89 12.62 -15.60
CA GLU C 172 26.14 13.72 -16.14
C GLU C 172 26.71 15.11 -15.78
N HIS C 173 27.37 15.19 -14.67
CA HIS C 173 27.88 16.45 -14.16
C HIS C 173 29.37 16.63 -14.29
N SER C 174 29.96 15.75 -15.06
CA SER C 174 31.37 15.77 -15.29
C SER C 174 31.49 16.22 -16.67
N GLN C 175 32.34 17.21 -16.78
CA GLN C 175 32.45 17.93 -18.02
C GLN C 175 33.14 16.94 -19.00
N GLY C 176 32.39 15.97 -19.56
CA GLY C 176 32.99 14.97 -20.49
C GLY C 176 33.86 13.82 -19.95
N LYS C 177 34.18 13.87 -18.68
CA LYS C 177 35.01 12.83 -18.03
C LYS C 177 34.29 11.48 -17.94
N ALA C 178 35.03 10.40 -18.11
CA ALA C 178 34.55 9.06 -17.78
C ALA C 178 34.72 8.77 -16.29
N LEU C 179 34.08 7.71 -15.77
CA LEU C 179 34.21 7.41 -14.33
C LEU C 179 35.61 7.17 -13.92
N ALA C 180 36.40 6.50 -14.77
CA ALA C 180 37.75 6.17 -14.38
C ALA C 180 38.61 7.47 -14.18
N ASP C 181 38.12 8.60 -14.69
CA ASP C 181 38.84 9.87 -14.63
C ASP C 181 38.43 10.70 -13.41
N ILE C 182 37.41 10.24 -12.69
CA ILE C 182 36.82 11.00 -11.59
C ILE C 182 37.53 10.72 -10.25
N GLN C 183 37.71 11.82 -9.50
CA GLN C 183 38.17 11.79 -8.12
C GLN C 183 37.06 12.28 -7.25
N PHE C 184 36.78 11.57 -6.16
CA PHE C 184 35.79 12.00 -5.18
C PHE C 184 36.14 11.56 -3.78
N ALA C 185 35.65 12.35 -2.85
CA ALA C 185 35.76 12.07 -1.45
C ALA C 185 34.38 11.84 -0.80
N TYR C 186 34.35 10.89 0.12
CA TYR C 186 33.27 10.61 0.98
C TYR C 186 33.69 10.99 2.41
N LEU C 187 32.90 11.87 3.03
CA LEU C 187 33.24 12.42 4.35
C LEU C 187 32.34 11.88 5.39
N GLY C 188 32.94 11.58 6.53
CA GLY C 188 32.15 11.25 7.76
C GLY C 188 32.25 9.77 8.13
N ASP C 189 31.11 9.11 8.25
CA ASP C 189 31.06 7.68 8.71
C ASP C 189 30.90 6.80 7.49
N ALA C 190 31.94 6.06 7.16
CA ALA C 190 32.00 5.22 5.99
C ALA C 190 31.75 3.73 6.24
N ARG C 191 31.69 3.40 7.52
CA ARG C 191 31.51 2.04 7.97
C ARG C 191 30.02 1.64 7.98
N ASN C 192 29.46 1.50 6.80
CA ASN C 192 28.06 1.19 6.61
C ASN C 192 27.84 0.93 5.11
N ASN C 193 26.62 0.58 4.79
CA ASN C 193 26.28 0.14 3.44
C ASN C 193 26.65 1.12 2.31
N VAL C 194 26.42 2.42 2.52
CA VAL C 194 26.73 3.41 1.50
C VAL C 194 28.23 3.55 1.28
N GLY C 195 28.97 3.68 2.37
CA GLY C 195 30.41 3.72 2.22
C GLY C 195 31.00 2.48 1.58
N ASN C 196 30.52 1.31 2.01
CA ASN C 196 30.94 0.04 1.43
C ASN C 196 30.71 -0.01 -0.09
N SER C 197 29.50 0.34 -0.50
CA SER C 197 29.13 0.33 -1.94
C SER C 197 29.90 1.33 -2.77
N LEU C 198 30.12 2.54 -2.23
CA LEU C 198 30.90 3.57 -2.92
C LEU C 198 32.30 3.09 -3.15
N MET C 199 32.88 2.42 -2.16
CA MET C 199 34.22 1.93 -2.28
C MET C 199 34.32 0.80 -3.30
N VAL C 200 33.40 -0.15 -3.26
CA VAL C 200 33.37 -1.21 -4.28
C VAL C 200 33.18 -0.66 -5.69
N GLY C 201 32.19 0.18 -5.82
CA GLY C 201 31.89 0.86 -7.07
C GLY C 201 33.07 1.61 -7.63
N ALA C 202 33.75 2.38 -6.78
CA ALA C 202 34.90 3.10 -7.22
C ALA C 202 36.06 2.17 -7.71
N ALA C 203 36.34 1.12 -6.95
CA ALA C 203 37.34 0.13 -7.32
C ALA C 203 36.99 -0.54 -8.67
N LYS C 204 35.73 -0.97 -8.80
CA LYS C 204 35.27 -1.60 -10.03
C LYS C 204 35.46 -0.68 -11.23
N MET C 205 35.18 0.61 -11.05
CA MET C 205 35.13 1.51 -12.18
C MET C 205 36.44 2.26 -12.42
N GLY C 206 37.45 1.96 -11.58
CA GLY C 206 38.75 2.57 -11.76
C GLY C 206 38.87 4.00 -11.29
N MET C 207 38.03 4.37 -10.37
CA MET C 207 37.97 5.73 -9.86
C MET C 207 38.93 5.95 -8.74
N ASP C 208 39.15 7.23 -8.40
CA ASP C 208 40.02 7.60 -7.27
C ASP C 208 39.13 8.06 -6.10
N ILE C 209 38.95 7.21 -5.08
CA ILE C 209 38.05 7.50 -3.96
C ILE C 209 38.89 7.73 -2.69
N ARG C 210 38.53 8.77 -1.95
CA ARG C 210 39.06 9.05 -0.65
C ARG C 210 37.97 8.91 0.38
N LEU C 211 38.20 8.07 1.37
CA LEU C 211 37.32 7.96 2.52
C LEU C 211 37.97 8.83 3.61
N VAL C 212 37.25 9.91 3.98
CA VAL C 212 37.76 10.98 4.82
C VAL C 212 36.96 11.07 6.10
N GLY C 213 37.58 10.66 7.19
CA GLY C 213 36.80 10.51 8.43
C GLY C 213 37.65 9.91 9.53
N PRO C 214 37.10 9.84 10.73
CA PRO C 214 37.87 9.19 11.81
C PRO C 214 38.14 7.70 11.51
N GLN C 215 39.31 7.25 11.90
CA GLN C 215 39.79 5.90 11.61
C GLN C 215 38.84 4.84 12.08
N ALA C 216 38.15 5.10 13.18
CA ALA C 216 37.21 4.07 13.72
C ALA C 216 36.01 3.89 12.80
N TYR C 217 35.79 4.84 11.89
CA TYR C 217 34.65 4.75 10.99
C TYR C 217 34.99 4.53 9.54
N TRP C 218 36.21 4.08 9.28
CA TRP C 218 36.53 3.60 7.93
C TRP C 218 35.82 2.24 7.66
N PRO C 219 35.62 1.86 6.36
CA PRO C 219 35.00 0.55 6.13
C PRO C 219 35.76 -0.61 6.68
N ASP C 220 35.01 -1.70 6.87
CA ASP C 220 35.56 -2.95 7.24
C ASP C 220 36.88 -3.24 6.53
N GLU C 221 37.91 -3.56 7.32
CA GLU C 221 39.24 -3.82 6.81
C GLU C 221 39.33 -4.93 5.78
N GLU C 222 38.53 -5.98 5.92
CA GLU C 222 38.49 -7.05 4.92
C GLU C 222 37.92 -6.60 3.58
N LEU C 223 36.88 -5.77 3.64
CA LEU C 223 36.35 -5.22 2.38
C LEU C 223 37.33 -4.25 1.75
N VAL C 224 38.04 -3.47 2.57
CA VAL C 224 39.06 -2.55 2.02
C VAL C 224 40.11 -3.34 1.25
N ALA C 225 40.53 -4.46 1.83
CA ALA C 225 41.58 -5.24 1.23
C ALA C 225 41.09 -5.78 -0.08
N ALA C 226 39.87 -6.29 -0.10
CA ALA C 226 39.28 -6.82 -1.35
C ALA C 226 39.15 -5.74 -2.43
N CYS C 227 38.75 -4.54 -2.03
CA CYS C 227 38.63 -3.44 -3.01
C CYS C 227 39.96 -2.94 -3.49
N GLN C 228 41.00 -3.02 -2.64
CA GLN C 228 42.34 -2.56 -3.06
C GLN C 228 42.85 -3.49 -4.15
N ALA C 229 42.50 -4.75 -4.03
CA ALA C 229 42.86 -5.74 -5.05
C ALA C 229 42.12 -5.46 -6.37
N ILE C 230 40.84 -5.15 -6.29
CA ILE C 230 40.06 -4.78 -7.50
C ILE C 230 40.64 -3.53 -8.13
N ALA C 231 40.91 -2.50 -7.29
CA ALA C 231 41.40 -1.22 -7.82
C ALA C 231 42.73 -1.41 -8.58
N LYS C 232 43.56 -2.29 -8.08
CA LYS C 232 44.87 -2.53 -8.74
C LYS C 232 44.68 -3.08 -10.16
N GLN C 233 43.62 -3.82 -10.41
CA GLN C 233 43.30 -4.33 -11.77
C GLN C 233 42.69 -3.31 -12.69
N THR C 234 42.02 -2.32 -12.13
CA THR C 234 41.26 -1.36 -12.94
C THR C 234 41.90 -0.02 -13.04
N GLY C 235 42.99 0.23 -12.33
CA GLY C 235 43.61 1.56 -12.34
C GLY C 235 43.04 2.53 -11.30
N GLY C 236 42.19 2.01 -10.41
CA GLY C 236 41.59 2.83 -9.37
C GLY C 236 42.56 3.11 -8.23
N LYS C 237 42.09 3.87 -7.26
CA LYS C 237 42.87 4.27 -6.11
C LYS C 237 41.91 4.43 -4.93
N ILE C 238 42.29 3.91 -3.77
CA ILE C 238 41.49 4.03 -2.54
C ILE C 238 42.41 4.64 -1.49
N THR C 239 42.03 5.74 -0.86
CA THR C 239 42.80 6.37 0.18
C THR C 239 41.90 6.54 1.39
N LEU C 240 42.39 6.10 2.53
CA LEU C 240 41.72 6.35 3.81
C LEU C 240 42.52 7.36 4.59
N THR C 241 41.89 8.41 5.06
CA THR C 241 42.61 9.43 5.77
C THR C 241 41.72 10.17 6.72
N GLU C 242 42.32 10.66 7.80
CA GLU C 242 41.65 11.57 8.71
C GLU C 242 41.82 13.03 8.35
N ASN C 243 42.72 13.28 7.42
CA ASN C 243 43.12 14.65 7.03
C ASN C 243 42.16 15.17 5.93
N VAL C 244 41.30 16.12 6.27
CA VAL C 244 40.36 16.69 5.32
C VAL C 244 41.06 17.33 4.13
N ALA C 245 42.05 18.20 4.39
CA ALA C 245 42.70 18.94 3.31
C ALA C 245 43.32 18.00 2.27
N GLU C 246 44.07 17.03 2.74
CA GLU C 246 44.66 16.01 1.87
C GLU C 246 43.58 15.16 1.18
N GLY C 247 42.56 14.75 1.93
CA GLY C 247 41.45 13.93 1.37
C GLY C 247 40.63 14.56 0.26
N VAL C 248 40.38 15.86 0.35
CA VAL C 248 39.48 16.53 -0.63
C VAL C 248 40.21 17.26 -1.79
N GLN C 249 41.50 17.38 -1.64
CA GLN C 249 42.30 18.13 -2.59
C GLN C 249 42.05 17.53 -4.01
N GLY C 250 41.65 18.37 -4.94
CA GLY C 250 41.52 18.00 -6.34
C GLY C 250 40.20 17.25 -6.67
N CYS C 251 39.27 17.14 -5.73
CA CYS C 251 38.07 16.29 -5.98
C CYS C 251 37.10 16.96 -6.91
N ASP C 252 36.48 16.12 -7.73
CA ASP C 252 35.41 16.55 -8.56
C ASP C 252 34.07 16.58 -7.81
N PHE C 253 33.92 15.69 -6.87
CA PHE C 253 32.69 15.51 -6.08
C PHE C 253 33.08 15.31 -4.66
N LEU C 254 32.22 15.82 -3.79
CA LEU C 254 32.25 15.50 -2.38
C LEU C 254 30.89 14.91 -2.01
N TYR C 255 30.94 13.85 -1.21
CA TYR C 255 29.77 13.09 -0.83
C TYR C 255 29.73 12.96 0.66
N THR C 256 28.56 13.08 1.27
CA THR C 256 28.43 12.66 2.70
C THR C 256 27.06 12.02 2.94
N ASP C 257 26.85 11.64 4.16
CA ASP C 257 25.64 11.04 4.66
C ASP C 257 25.54 11.32 6.17
N VAL C 258 24.36 11.15 6.73
CA VAL C 258 24.12 11.40 8.13
CA VAL C 258 24.07 11.37 8.13
C VAL C 258 25.06 10.60 9.03
N TRP C 259 25.43 11.21 10.17
CA TRP C 259 26.29 10.59 11.19
C TRP C 259 25.57 9.86 12.37
N VAL C 260 24.27 10.07 12.57
CA VAL C 260 23.43 9.38 13.64
C VAL C 260 22.27 8.56 13.11
N ALA C 268 24.93 5.87 19.65
CA ALA C 268 25.75 6.60 20.63
C ALA C 268 25.96 8.10 20.21
N TRP C 269 24.86 8.87 20.18
CA TRP C 269 24.72 10.10 19.35
C TRP C 269 25.68 11.23 19.77
N ASP C 270 25.72 11.48 21.07
CA ASP C 270 26.63 12.46 21.66
C ASP C 270 28.12 12.32 21.23
N GLU C 271 28.65 11.11 21.35
CA GLU C 271 30.08 10.84 21.10
C GLU C 271 30.42 10.86 19.59
N ARG C 272 29.49 10.42 18.76
CA ARG C 272 29.69 10.37 17.31
C ARG C 272 29.81 11.76 16.75
N VAL C 273 28.89 12.60 17.17
CA VAL C 273 28.83 13.94 16.62
C VAL C 273 30.12 14.72 16.89
N ALA C 274 30.63 14.61 18.11
CA ALA C 274 31.88 15.32 18.42
C ALA C 274 33.04 14.79 17.55
N LEU C 275 33.10 13.47 17.39
CA LEU C 275 34.06 12.88 16.47
C LEU C 275 33.89 13.29 15.00
N MET C 276 32.65 13.47 14.60
CA MET C 276 32.35 13.65 13.16
C MET C 276 32.33 15.09 12.74
N LYS C 277 32.14 15.98 13.72
CA LYS C 277 32.03 17.40 13.47
C LYS C 277 33.11 17.97 12.54
N PRO C 278 34.38 17.59 12.70
CA PRO C 278 35.43 18.13 11.81
C PRO C 278 35.25 17.77 10.34
N TYR C 279 34.37 16.81 10.05
CA TYR C 279 34.15 16.31 8.65
C TYR C 279 32.85 16.82 8.03
N GLN C 280 32.23 17.81 8.71
CA GLN C 280 31.13 18.51 8.14
C GLN C 280 31.49 19.09 6.79
N VAL C 281 30.61 18.89 5.79
CA VAL C 281 30.83 19.53 4.48
C VAL C 281 30.27 20.95 4.55
N ASN C 282 31.15 21.93 4.62
CA ASN C 282 30.77 23.33 4.60
C ASN C 282 31.49 24.03 3.48
N MET C 283 31.22 25.33 3.30
CA MET C 283 31.82 26.00 2.15
C MET C 283 33.38 25.95 2.19
N ASN C 284 33.96 25.95 3.40
CA ASN C 284 35.41 25.94 3.55
C ASN C 284 35.98 24.64 2.99
N VAL C 285 35.32 23.52 3.28
CA VAL C 285 35.71 22.22 2.67
C VAL C 285 35.64 22.27 1.14
N LEU C 286 34.55 22.79 0.58
CA LEU C 286 34.51 22.98 -0.90
C LEU C 286 35.71 23.76 -1.41
N LYS C 287 36.05 24.81 -0.70
CA LYS C 287 37.16 25.65 -1.13
C LYS C 287 38.47 24.91 -1.02
N GLN C 288 38.59 24.05 -0.03
CA GLN C 288 39.81 23.26 0.09
C GLN C 288 40.09 22.28 -1.06
N THR C 289 39.09 21.96 -1.89
CA THR C 289 39.37 21.12 -3.01
C THR C 289 40.26 21.83 -4.05
N GLY C 290 40.19 23.17 -4.05
CA GLY C 290 40.88 23.91 -5.02
C GLY C 290 40.20 23.79 -6.36
N ASN C 291 38.96 23.27 -6.38
CA ASN C 291 38.21 23.09 -7.61
C ASN C 291 36.94 23.93 -7.62
N PRO C 292 36.90 25.00 -8.42
CA PRO C 292 35.69 25.83 -8.41
C PRO C 292 34.41 25.19 -8.99
N ASN C 293 34.57 24.10 -9.72
CA ASN C 293 33.50 23.30 -10.26
C ASN C 293 33.08 22.08 -9.42
N VAL C 294 33.60 21.96 -8.23
CA VAL C 294 33.30 20.82 -7.39
C VAL C 294 31.79 20.75 -7.14
N LYS C 295 31.26 19.52 -7.11
CA LYS C 295 29.86 19.34 -6.82
C LYS C 295 29.65 18.55 -5.55
N PHE C 296 28.50 18.79 -4.90
CA PHE C 296 28.14 18.13 -3.63
C PHE C 296 26.98 17.11 -3.78
N MET C 297 27.19 15.89 -3.24
CA MET C 297 26.27 14.78 -3.34
C MET C 297 25.97 14.22 -1.97
N HIS C 298 24.79 13.64 -1.81
CA HIS C 298 24.33 13.12 -0.54
C HIS C 298 23.21 12.15 -0.86
N CYS C 299 23.25 10.94 -0.28
CA CYS C 299 22.25 9.93 -0.66
C CYS C 299 20.83 10.24 -0.17
N LEU C 300 20.71 11.05 0.83
CA LEU C 300 19.43 11.54 1.42
C LEU C 300 18.80 10.45 2.24
N PRO C 301 18.01 10.80 3.24
CA PRO C 301 17.72 12.14 3.68
C PRO C 301 18.94 12.80 4.35
N ALA C 302 18.95 14.13 4.37
CA ALA C 302 20.06 14.92 4.96
C ALA C 302 19.59 15.83 6.08
N PHE C 303 20.49 16.04 7.05
CA PHE C 303 20.21 16.99 8.15
C PHE C 303 20.97 18.26 7.92
N HIS C 304 20.37 19.21 7.24
CA HIS C 304 21.07 20.42 6.85
C HIS C 304 20.49 21.66 7.46
N ASN C 305 19.47 21.53 8.31
CA ASN C 305 18.86 22.65 8.97
C ASN C 305 17.98 22.19 10.12
N ASP C 306 17.13 23.10 10.62
CA ASP C 306 16.21 22.80 11.73
C ASP C 306 14.77 22.45 11.30
N GLU C 307 14.61 22.03 10.06
CA GLU C 307 13.28 21.70 9.60
C GLU C 307 12.93 20.19 9.71
N THR C 308 13.71 19.44 10.48
CA THR C 308 13.30 18.09 10.87
C THR C 308 13.38 18.03 12.38
N THR C 309 12.52 17.20 12.96
CA THR C 309 12.53 16.95 14.41
C THR C 309 13.90 16.49 14.87
N ILE C 310 14.40 15.46 14.21
CA ILE C 310 15.68 14.86 14.63
C ILE C 310 16.88 15.78 14.41
N GLY C 311 16.94 16.39 13.24
CA GLY C 311 18.04 17.28 12.94
C GLY C 311 18.13 18.43 13.93
N LYS C 312 16.99 19.00 14.27
CA LYS C 312 16.94 20.11 15.22
C LYS C 312 17.37 19.65 16.63
N GLN C 313 16.88 18.50 17.02
CA GLN C 313 17.17 17.95 18.36
C GLN C 313 18.65 17.72 18.52
N VAL C 314 19.25 17.15 17.51
CA VAL C 314 20.70 16.92 17.57
C VAL C 314 21.55 18.19 17.44
N ALA C 315 21.25 19.00 16.44
CA ALA C 315 22.03 20.17 16.22
C ALA C 315 22.01 21.08 17.45
N ASP C 316 20.83 21.27 18.01
CA ASP C 316 20.68 22.17 19.18
C ASP C 316 21.64 21.87 20.34
N LYS C 317 21.89 20.60 20.61
CA LYS C 317 22.91 20.24 21.63
C LYS C 317 24.31 20.79 21.39
N PHE C 318 24.67 21.02 20.13
CA PHE C 318 26.01 21.39 19.76
C PHE C 318 26.12 22.81 19.18
N GLY C 319 25.05 23.57 19.32
CA GLY C 319 25.01 24.91 18.77
C GLY C 319 25.19 24.96 17.25
N MET C 320 24.72 23.91 16.54
CA MET C 320 24.92 23.81 15.09
C MET C 320 23.64 24.11 14.41
N LYS C 321 23.74 24.41 13.11
CA LYS C 321 22.59 24.58 12.23
C LYS C 321 22.98 23.73 11.02
N GLY C 322 22.52 22.50 11.04
CA GLY C 322 22.98 21.55 10.00
C GLY C 322 24.10 20.72 10.55
N LEU C 323 24.10 19.45 10.18
CA LEU C 323 25.05 18.53 10.76
C LEU C 323 26.13 18.18 9.76
N GLU C 324 25.86 17.15 8.96
CA GLU C 324 26.90 16.64 8.04
C GLU C 324 27.16 17.59 6.94
N VAL C 325 26.17 18.45 6.67
CA VAL C 325 26.26 19.47 5.60
C VAL C 325 25.53 20.72 6.05
N THR C 326 26.05 21.89 5.66
CA THR C 326 25.39 23.14 5.94
C THR C 326 24.29 23.46 4.90
N GLU C 327 23.33 24.27 5.30
CA GLU C 327 22.24 24.69 4.39
C GLU C 327 22.84 25.40 3.20
N GLU C 328 23.83 26.23 3.45
CA GLU C 328 24.49 26.99 2.40
C GLU C 328 25.02 26.06 1.30
N VAL C 329 25.70 25.00 1.66
CA VAL C 329 26.26 24.03 0.67
C VAL C 329 25.06 23.26 0.05
N PHE C 330 24.17 22.79 0.88
CA PHE C 330 23.07 21.90 0.41
C PHE C 330 22.21 22.55 -0.65
N GLU C 331 21.96 23.88 -0.47
CA GLU C 331 21.07 24.63 -1.35
C GLU C 331 21.86 25.43 -2.43
N SER C 332 23.17 25.29 -2.46
CA SER C 332 24.01 26.03 -3.42
C SER C 332 23.99 25.46 -4.82
N GLU C 333 24.56 26.22 -5.79
CA GLU C 333 24.66 25.75 -7.12
C GLU C 333 25.59 24.54 -7.26
N HIS C 334 26.38 24.26 -6.25
CA HIS C 334 27.29 23.06 -6.29
C HIS C 334 26.52 21.77 -5.96
N SER C 335 25.34 21.93 -5.37
CA SER C 335 24.58 20.78 -4.87
C SER C 335 23.80 20.11 -6.01
N ILE C 336 23.98 18.79 -6.18
CA ILE C 336 23.28 18.06 -7.21
C ILE C 336 22.39 16.93 -6.64
N VAL C 337 22.03 17.10 -5.37
CA VAL C 337 21.36 16.03 -4.60
C VAL C 337 20.02 15.65 -5.19
N PHE C 338 19.32 16.58 -5.85
CA PHE C 338 17.97 16.26 -6.37
C PHE C 338 18.02 15.63 -7.77
N ASP C 339 19.07 15.92 -8.50
CA ASP C 339 19.41 15.16 -9.69
C ASP C 339 19.82 13.71 -9.33
N GLU C 340 20.59 13.58 -8.26
CA GLU C 340 20.97 12.28 -7.72
C GLU C 340 19.77 11.46 -7.28
N ALA C 341 18.86 12.12 -6.56
CA ALA C 341 17.64 11.51 -6.20
C ALA C 341 16.78 11.04 -7.36
N GLU C 342 16.59 11.90 -8.35
CA GLU C 342 15.85 11.51 -9.53
C GLU C 342 16.47 10.27 -10.20
N ASN C 343 17.80 10.23 -10.22
CA ASN C 343 18.51 9.14 -10.84
C ASN C 343 18.36 7.78 -10.13
N ARG C 344 17.83 7.76 -8.90
CA ARG C 344 17.46 6.49 -8.23
C ARG C 344 16.49 5.74 -9.14
N MET C 345 15.53 6.47 -9.74
CA MET C 345 14.47 5.84 -10.54
C MET C 345 15.05 5.29 -11.82
N HIS C 346 15.82 6.11 -12.54
CA HIS C 346 16.26 5.66 -13.85
C HIS C 346 17.17 4.46 -13.78
N THR C 347 18.00 4.39 -12.75
CA THR C 347 18.93 3.30 -12.57
C THR C 347 18.32 2.04 -12.06
N ILE C 348 17.35 2.17 -11.18
CA ILE C 348 16.53 1.03 -10.79
C ILE C 348 15.78 0.51 -12.03
N LYS C 349 15.30 1.40 -12.87
CA LYS C 349 14.60 0.96 -14.12
C LYS C 349 15.59 0.11 -14.96
N ALA C 350 16.80 0.60 -15.15
CA ALA C 350 17.82 -0.13 -15.88
C ALA C 350 18.04 -1.52 -15.32
N VAL C 351 18.17 -1.61 -13.99
CA VAL C 351 18.39 -2.92 -13.37
C VAL C 351 17.22 -3.87 -13.71
N MET C 352 15.99 -3.40 -13.61
CA MET C 352 14.85 -4.28 -13.88
C MET C 352 14.74 -4.65 -15.37
N VAL C 353 14.92 -3.68 -16.22
CA VAL C 353 14.89 -3.90 -17.66
C VAL C 353 15.96 -4.87 -18.07
N ALA C 354 17.17 -4.68 -17.58
CA ALA C 354 18.30 -5.54 -17.99
C ALA C 354 18.09 -6.97 -17.58
N THR C 355 17.53 -7.17 -16.41
CA THR C 355 17.38 -8.54 -15.85
C THR C 355 16.06 -9.20 -16.15
N LEU C 356 14.99 -8.43 -16.29
CA LEU C 356 13.66 -8.98 -16.48
C LEU C 356 13.03 -8.59 -17.82
N GLY C 357 13.61 -7.64 -18.51
CA GLY C 357 12.93 -7.07 -19.66
C GLY C 357 12.91 -8.08 -20.80
N SER C 358 11.94 -7.90 -21.69
CA SER C 358 11.90 -8.66 -22.94
C SER C 358 11.24 -7.81 -24.01
N CP D . -15.18 12.61 3.81
C CP D . -13.98 12.15 3.72
O CP D . -13.01 12.78 3.27
O4P CP D . -13.84 10.82 4.19
P CP D . -12.44 10.08 4.38
O1P CP D . -11.52 10.27 3.21
O2P CP D . -11.84 10.66 5.70
O3P CP D . -12.88 8.71 4.67
CL CL E . -11.46 24.94 0.44
N ARG F . -13.94 16.92 9.72
CA ARG F . -13.41 15.57 9.42
C ARG F . -12.00 15.43 9.93
O ARG F . -11.12 16.25 9.71
CB ARG F . -13.51 15.30 7.91
CG ARG F . -12.92 13.94 7.55
CD ARG F . -13.64 12.79 8.25
NE ARG F . -12.91 11.56 7.94
CZ ARG F . -12.45 10.67 8.78
NH1 ARG F . -12.68 10.77 10.13
NH2 ARG F . -11.78 9.61 8.27
OXT ARG F . -11.75 14.58 10.76
CL CL G . -15.85 -22.69 3.27
CL CL H . -2.59 -15.56 4.14
C1 PEG I . 5.78 -20.29 22.37
O1 PEG I . 6.80 -20.51 21.37
C2 PEG I . 5.08 -18.99 22.05
O2 PEG I . 3.84 -18.87 22.74
C3 PEG I . 3.22 -17.58 22.56
C4 PEG I . 2.25 -17.63 21.36
O4 PEG I . 0.90 -17.33 21.74
CL CL J . 27.11 -2.87 -3.66
N CP K . 18.90 6.49 0.01
C CP K . 17.82 5.74 0.06
O CP K . 17.76 4.54 -0.15
O4P CP K . 16.62 6.41 0.39
P CP K . 15.42 5.70 1.15
O1P CP K . 15.87 5.44 2.57
O2P CP K . 14.46 6.84 0.97
O3P CP K . 14.88 4.48 0.42
#